data_2LOL
#
_entry.id   2LOL
#
_entity_poly.entity_id   1
_entity_poly.type   'polypeptide(L)'
_entity_poly.pdbx_seq_one_letter_code
;MSTTDKIEQKVIEMVAEKLNKDKAIITTDSRFIEDLKADSLDTVELMMAIEVEYGIDIPDDEATKIKTVSDVIKYIKERQ
S
;
_entity_poly.pdbx_strand_id   A
#
# COMPACT_ATOMS: atom_id res chain seq x y z
N MET A 1 0.69 2.16 24.82
CA MET A 1 -0.28 1.94 23.75
C MET A 1 0.25 2.49 22.42
N SER A 2 -0.03 1.76 21.34
CA SER A 2 0.41 2.18 20.01
C SER A 2 -0.76 2.21 19.03
N THR A 3 -0.72 3.19 18.12
CA THR A 3 -1.78 3.32 17.13
C THR A 3 -1.42 2.60 15.84
N THR A 4 -0.12 2.42 15.61
CA THR A 4 0.35 1.74 14.41
C THR A 4 -0.33 0.40 14.23
N ASP A 5 -0.71 -0.22 15.34
CA ASP A 5 -1.38 -1.52 15.32
C ASP A 5 -2.63 -1.47 14.43
N LYS A 6 -3.33 -0.34 14.46
CA LYS A 6 -4.54 -0.16 13.67
C LYS A 6 -4.20 -0.14 12.18
N ILE A 7 -2.96 0.17 11.86
CA ILE A 7 -2.51 0.23 10.47
C ILE A 7 -2.42 -1.16 9.87
N GLU A 8 -1.99 -2.12 10.66
CA GLU A 8 -1.86 -3.51 10.22
C GLU A 8 -3.22 -4.09 9.85
N GLN A 9 -4.26 -3.58 10.50
CA GLN A 9 -5.62 -4.05 10.25
C GLN A 9 -6.35 -3.12 9.29
N LYS A 10 -5.86 -1.90 9.18
CA LYS A 10 -6.46 -0.91 8.28
C LYS A 10 -5.87 -1.00 6.88
N VAL A 11 -4.71 -1.64 6.78
CA VAL A 11 -4.04 -1.79 5.50
C VAL A 11 -4.99 -2.37 4.45
N ILE A 12 -5.84 -3.29 4.88
CA ILE A 12 -6.80 -3.91 3.98
C ILE A 12 -7.60 -2.87 3.20
N GLU A 13 -8.00 -1.81 3.90
CA GLU A 13 -8.77 -0.73 3.29
C GLU A 13 -7.88 0.12 2.38
N MET A 14 -6.59 0.15 2.68
CA MET A 14 -5.63 0.92 1.90
C MET A 14 -5.38 0.27 0.54
N VAL A 15 -4.84 -0.95 0.57
CA VAL A 15 -4.55 -1.69 -0.65
C VAL A 15 -5.80 -1.86 -1.50
N ALA A 16 -6.96 -1.80 -0.85
CA ALA A 16 -8.23 -1.94 -1.55
C ALA A 16 -8.59 -0.66 -2.31
N GLU A 17 -8.03 0.46 -1.85
CA GLU A 17 -8.29 1.75 -2.48
C GLU A 17 -7.13 2.18 -3.37
N LYS A 18 -5.96 1.59 -3.11
CA LYS A 18 -4.77 1.91 -3.88
C LYS A 18 -4.87 1.36 -5.31
N LEU A 19 -5.16 0.07 -5.42
CA LEU A 19 -5.30 -0.57 -6.72
C LEU A 19 -6.73 -1.06 -6.95
N ASN A 20 -7.66 -0.47 -6.20
CA ASN A 20 -9.07 -0.85 -6.32
C ASN A 20 -9.25 -2.36 -6.19
N LYS A 21 -8.62 -2.93 -5.17
CA LYS A 21 -8.71 -4.37 -4.93
C LYS A 21 -9.83 -4.68 -3.94
N ASP A 22 -10.79 -5.49 -4.38
CA ASP A 22 -11.92 -5.88 -3.54
C ASP A 22 -11.43 -6.47 -2.22
N LYS A 23 -12.21 -6.26 -1.16
CA LYS A 23 -11.85 -6.78 0.16
C LYS A 23 -11.72 -8.30 0.13
N ALA A 24 -12.40 -8.93 -0.83
CA ALA A 24 -12.34 -10.39 -0.96
C ALA A 24 -11.09 -10.82 -1.72
N ILE A 25 -10.29 -9.85 -2.13
CA ILE A 25 -9.06 -10.13 -2.87
C ILE A 25 -7.83 -9.69 -2.07
N ILE A 26 -8.02 -8.75 -1.15
CA ILE A 26 -6.94 -8.25 -0.33
C ILE A 26 -6.15 -9.39 0.31
N THR A 27 -4.94 -9.63 -0.20
CA THR A 27 -4.09 -10.69 0.32
C THR A 27 -2.70 -10.17 0.65
N THR A 28 -1.99 -10.88 1.52
CA THR A 28 -0.64 -10.49 1.91
C THR A 28 0.30 -10.46 0.72
N ASP A 29 0.16 -11.43 -0.18
CA ASP A 29 0.99 -11.51 -1.36
C ASP A 29 0.24 -10.99 -2.59
N SER A 30 -0.71 -10.10 -2.37
CA SER A 30 -1.51 -9.54 -3.45
C SER A 30 -0.60 -8.98 -4.54
N ARG A 31 -0.51 -9.71 -5.66
CA ARG A 31 0.32 -9.29 -6.78
C ARG A 31 -0.52 -8.57 -7.84
N PHE A 32 -1.32 -7.60 -7.39
CA PHE A 32 -2.17 -6.84 -8.29
C PHE A 32 -1.36 -6.28 -9.46
N ILE A 33 -0.10 -5.98 -9.20
CA ILE A 33 0.78 -5.43 -10.23
C ILE A 33 0.84 -6.35 -11.44
N GLU A 34 0.93 -7.66 -11.19
CA GLU A 34 1.00 -8.64 -12.26
C GLU A 34 -0.40 -9.13 -12.64
N ASP A 35 -1.12 -9.66 -11.66
CA ASP A 35 -2.48 -10.15 -11.88
C ASP A 35 -3.35 -9.09 -12.55
N LEU A 36 -3.42 -7.93 -11.94
CA LEU A 36 -4.22 -6.82 -12.47
C LEU A 36 -3.44 -6.06 -13.54
N LYS A 37 -2.18 -6.42 -13.72
CA LYS A 37 -1.33 -5.77 -14.71
C LYS A 37 -1.37 -4.26 -14.55
N ALA A 38 -1.03 -3.79 -13.36
CA ALA A 38 -1.02 -2.36 -13.08
C ALA A 38 -0.01 -1.63 -13.96
N ASP A 39 -0.50 -0.87 -14.93
CA ASP A 39 0.37 -0.12 -15.83
C ASP A 39 1.18 0.91 -15.07
N SER A 40 2.07 1.61 -15.78
CA SER A 40 2.92 2.62 -15.18
C SER A 40 2.16 3.93 -15.02
N LEU A 41 1.55 4.39 -16.10
CA LEU A 41 0.80 5.64 -16.09
C LEU A 41 -0.34 5.58 -15.06
N ASP A 42 -0.82 4.37 -14.79
CA ASP A 42 -1.90 4.18 -13.83
C ASP A 42 -1.36 4.21 -12.40
N THR A 43 -0.26 3.49 -12.17
CA THR A 43 0.34 3.43 -10.85
C THR A 43 0.72 4.83 -10.35
N VAL A 44 0.89 5.76 -11.29
CA VAL A 44 1.25 7.13 -10.95
C VAL A 44 0.27 7.71 -9.92
N GLU A 45 -1.02 7.66 -10.25
CA GLU A 45 -2.04 8.17 -9.35
C GLU A 45 -2.42 7.14 -8.29
N LEU A 46 -2.58 5.89 -8.72
CA LEU A 46 -2.93 4.81 -7.81
C LEU A 46 -1.99 4.77 -6.61
N MET A 47 -0.69 4.77 -6.89
CA MET A 47 0.32 4.74 -5.84
C MET A 47 0.39 6.08 -5.12
N MET A 48 0.02 7.14 -5.82
CA MET A 48 0.05 8.48 -5.25
C MET A 48 -0.97 8.62 -4.13
N ALA A 49 -2.11 7.95 -4.29
CA ALA A 49 -3.17 7.99 -3.28
C ALA A 49 -2.66 7.50 -1.93
N ILE A 50 -1.58 6.72 -1.95
CA ILE A 50 -1.01 6.18 -0.73
C ILE A 50 -0.25 7.26 0.03
N GLU A 51 0.18 8.30 -0.68
CA GLU A 51 0.91 9.40 -0.06
C GLU A 51 -0.05 10.41 0.58
N VAL A 52 -1.14 10.70 -0.13
CA VAL A 52 -2.13 11.66 0.35
C VAL A 52 -3.00 11.03 1.43
N GLU A 53 -3.03 9.70 1.46
CA GLU A 53 -3.83 8.97 2.45
C GLU A 53 -3.06 8.81 3.76
N TYR A 54 -1.86 8.23 3.67
CA TYR A 54 -1.03 8.02 4.85
C TYR A 54 -0.34 9.32 5.26
N GLY A 55 -0.14 10.21 4.30
CA GLY A 55 0.51 11.48 4.60
C GLY A 55 2.03 11.36 4.59
N ILE A 56 2.53 10.32 3.94
CA ILE A 56 3.97 10.10 3.86
C ILE A 56 4.46 10.14 2.42
N ASP A 57 5.75 9.88 2.23
CA ASP A 57 6.34 9.89 0.90
C ASP A 57 6.96 8.53 0.58
N ILE A 58 6.83 8.11 -0.68
CA ILE A 58 7.38 6.83 -1.12
C ILE A 58 7.93 6.93 -2.55
N PRO A 59 9.24 7.17 -2.65
CA PRO A 59 9.92 7.28 -3.95
C PRO A 59 10.00 5.95 -4.69
N ASP A 60 10.29 6.00 -5.98
CA ASP A 60 10.39 4.80 -6.79
C ASP A 60 11.33 3.79 -6.15
N ASP A 61 12.36 4.30 -5.48
CA ASP A 61 13.34 3.43 -4.82
C ASP A 61 12.67 2.56 -3.76
N GLU A 62 11.68 3.12 -3.08
CA GLU A 62 10.95 2.39 -2.05
C GLU A 62 9.57 1.99 -2.54
N ALA A 63 9.34 2.13 -3.84
CA ALA A 63 8.05 1.78 -4.44
C ALA A 63 7.72 0.31 -4.19
N THR A 64 8.75 -0.53 -4.11
CA THR A 64 8.57 -1.95 -3.88
C THR A 64 8.79 -2.30 -2.42
N LYS A 65 8.75 -1.30 -1.55
CA LYS A 65 8.94 -1.50 -0.13
C LYS A 65 7.63 -1.31 0.63
N ILE A 66 6.56 -1.02 -0.11
CA ILE A 66 5.25 -0.80 0.49
C ILE A 66 4.15 -1.35 -0.40
N LYS A 67 4.53 -2.16 -1.38
CA LYS A 67 3.57 -2.75 -2.31
C LYS A 67 2.79 -3.87 -1.64
N THR A 68 3.49 -4.74 -0.93
CA THR A 68 2.87 -5.86 -0.23
C THR A 68 2.30 -5.42 1.11
N VAL A 69 1.38 -6.21 1.65
CA VAL A 69 0.76 -5.92 2.93
C VAL A 69 1.77 -5.98 4.06
N SER A 70 2.78 -6.84 3.90
CA SER A 70 3.81 -7.01 4.92
C SER A 70 4.89 -5.94 4.76
N ASP A 71 5.08 -5.46 3.53
CA ASP A 71 6.07 -4.44 3.25
C ASP A 71 5.53 -3.05 3.56
N VAL A 72 4.25 -2.84 3.27
CA VAL A 72 3.61 -1.56 3.51
C VAL A 72 3.55 -1.25 5.01
N ILE A 73 3.29 -2.27 5.81
CA ILE A 73 3.21 -2.11 7.25
C ILE A 73 4.60 -2.14 7.89
N LYS A 74 5.54 -2.78 7.20
CA LYS A 74 6.91 -2.88 7.70
C LYS A 74 7.70 -1.61 7.38
N TYR A 75 7.42 -1.02 6.22
CA TYR A 75 8.09 0.20 5.80
C TYR A 75 7.45 1.43 6.43
N ILE A 76 6.18 1.65 6.11
CA ILE A 76 5.46 2.80 6.66
C ILE A 76 5.63 2.90 8.17
N LYS A 77 5.78 1.75 8.81
CA LYS A 77 5.97 1.72 10.26
C LYS A 77 7.20 2.52 10.67
N GLU A 78 8.36 2.12 10.17
CA GLU A 78 9.61 2.81 10.48
C GLU A 78 9.64 4.19 9.84
N ARG A 79 8.87 4.37 8.77
CA ARG A 79 8.82 5.64 8.07
C ARG A 79 8.03 6.67 8.88
N GLN A 80 7.04 6.21 9.62
CA GLN A 80 6.21 7.08 10.44
C GLN A 80 7.04 7.75 11.53
N SER A 81 7.33 9.03 11.35
CA SER A 81 8.12 9.78 12.32
C SER A 81 7.28 10.12 13.56
N MET A 1 -0.72 8.33 21.94
CA MET A 1 -1.63 7.20 21.86
C MET A 1 -1.58 6.55 20.47
N SER A 2 -0.43 6.66 19.82
CA SER A 2 -0.26 6.10 18.48
C SER A 2 -0.36 4.58 18.52
N THR A 3 -1.28 4.03 17.71
CA THR A 3 -1.48 2.59 17.65
C THR A 3 -1.17 2.05 16.25
N THR A 4 0.11 1.95 15.94
CA THR A 4 0.54 1.45 14.64
C THR A 4 0.05 0.02 14.40
N ASP A 5 -0.22 -0.69 15.49
CA ASP A 5 -0.70 -2.06 15.41
C ASP A 5 -1.95 -2.14 14.54
N LYS A 6 -2.75 -1.07 14.56
CA LYS A 6 -3.97 -1.03 13.77
C LYS A 6 -3.67 -0.97 12.28
N ILE A 7 -2.53 -0.39 11.93
CA ILE A 7 -2.11 -0.26 10.55
C ILE A 7 -1.95 -1.64 9.91
N GLU A 8 -1.40 -2.58 10.66
CA GLU A 8 -1.18 -3.94 10.17
C GLU A 8 -2.47 -4.50 9.57
N GLN A 9 -3.59 -4.23 10.23
CA GLN A 9 -4.89 -4.72 9.76
C GLN A 9 -5.56 -3.70 8.84
N LYS A 10 -5.11 -2.45 8.93
CA LYS A 10 -5.65 -1.38 8.11
C LYS A 10 -5.16 -1.49 6.67
N VAL A 11 -4.09 -2.26 6.47
CA VAL A 11 -3.52 -2.44 5.15
C VAL A 11 -4.59 -2.89 4.16
N ILE A 12 -5.51 -3.72 4.62
CA ILE A 12 -6.60 -4.22 3.77
C ILE A 12 -7.42 -3.07 3.22
N GLU A 13 -7.64 -2.05 4.04
CA GLU A 13 -8.42 -0.88 3.63
C GLU A 13 -7.61 0.02 2.70
N MET A 14 -6.30 -0.11 2.78
CA MET A 14 -5.40 0.69 1.94
C MET A 14 -5.25 0.08 0.57
N VAL A 15 -4.71 -1.14 0.52
CA VAL A 15 -4.51 -1.84 -0.74
C VAL A 15 -5.81 -1.97 -1.52
N ALA A 16 -6.93 -1.91 -0.79
CA ALA A 16 -8.25 -2.02 -1.42
C ALA A 16 -8.62 -0.73 -2.13
N GLU A 17 -8.00 0.38 -1.72
CA GLU A 17 -8.28 1.67 -2.33
C GLU A 17 -7.13 2.08 -3.25
N LYS A 18 -5.95 1.52 -3.02
CA LYS A 18 -4.78 1.83 -3.83
C LYS A 18 -4.97 1.34 -5.26
N LEU A 19 -5.26 0.05 -5.41
CA LEU A 19 -5.48 -0.54 -6.72
C LEU A 19 -6.91 -1.01 -6.90
N ASN A 20 -7.81 -0.46 -6.08
CA ASN A 20 -9.22 -0.81 -6.15
C ASN A 20 -9.41 -2.32 -6.07
N LYS A 21 -8.77 -2.94 -5.07
CA LYS A 21 -8.86 -4.38 -4.88
C LYS A 21 -9.94 -4.72 -3.85
N ASP A 22 -10.90 -5.55 -4.27
CA ASP A 22 -11.98 -5.95 -3.39
C ASP A 22 -11.44 -6.58 -2.11
N LYS A 23 -12.16 -6.39 -1.01
CA LYS A 23 -11.76 -6.93 0.28
C LYS A 23 -11.65 -8.45 0.22
N ALA A 24 -12.31 -9.04 -0.76
CA ALA A 24 -12.30 -10.49 -0.92
C ALA A 24 -11.12 -10.93 -1.79
N ILE A 25 -10.31 -9.96 -2.21
CA ILE A 25 -9.15 -10.25 -3.05
C ILE A 25 -7.86 -9.83 -2.35
N ILE A 26 -7.98 -8.94 -1.38
CA ILE A 26 -6.82 -8.45 -0.64
C ILE A 26 -5.97 -9.62 -0.14
N THR A 27 -4.81 -9.81 -0.76
CA THR A 27 -3.91 -10.89 -0.38
C THR A 27 -2.68 -10.34 0.35
N THR A 28 -1.80 -11.24 0.77
CA THR A 28 -0.59 -10.85 1.48
C THR A 28 0.55 -10.57 0.52
N ASP A 29 0.44 -11.12 -0.69
CA ASP A 29 1.47 -10.92 -1.72
C ASP A 29 1.18 -9.69 -2.56
N SER A 30 -0.10 -9.30 -2.60
CA SER A 30 -0.52 -8.14 -3.37
C SER A 30 0.06 -8.19 -4.78
N ARG A 31 -0.52 -9.05 -5.62
CA ARG A 31 -0.06 -9.20 -7.00
C ARG A 31 -1.02 -8.51 -7.96
N PHE A 32 -1.64 -7.43 -7.49
CA PHE A 32 -2.59 -6.67 -8.31
C PHE A 32 -1.95 -6.30 -9.66
N ILE A 33 -0.65 -6.07 -9.64
CA ILE A 33 0.08 -5.70 -10.86
C ILE A 33 -0.13 -6.74 -11.95
N GLU A 34 -0.08 -8.01 -11.58
CA GLU A 34 -0.26 -9.10 -12.53
C GLU A 34 -1.73 -9.51 -12.62
N ASP A 35 -2.31 -9.87 -11.48
CA ASP A 35 -3.71 -10.27 -11.43
C ASP A 35 -4.60 -9.23 -12.07
N LEU A 36 -4.51 -8.00 -11.58
CA LEU A 36 -5.32 -6.89 -12.10
C LEU A 36 -4.70 -6.33 -13.38
N LYS A 37 -3.48 -6.76 -13.67
CA LYS A 37 -2.77 -6.30 -14.87
C LYS A 37 -2.66 -4.77 -14.88
N ALA A 38 -2.26 -4.21 -13.75
CA ALA A 38 -2.11 -2.76 -13.63
C ALA A 38 -1.01 -2.25 -14.56
N ASP A 39 -1.19 -1.03 -15.06
CA ASP A 39 -0.20 -0.42 -15.95
C ASP A 39 0.80 0.41 -15.17
N SER A 40 1.82 0.92 -15.87
CA SER A 40 2.85 1.74 -15.25
C SER A 40 2.37 3.17 -15.07
N LEU A 41 1.67 3.69 -16.09
CA LEU A 41 1.15 5.05 -16.05
C LEU A 41 -0.03 5.15 -15.09
N ASP A 42 -0.68 4.02 -14.82
CA ASP A 42 -1.82 3.99 -13.92
C ASP A 42 -1.37 3.97 -12.46
N THR A 43 -0.31 3.22 -12.19
CA THR A 43 0.22 3.12 -10.83
C THR A 43 0.58 4.49 -10.27
N VAL A 44 0.83 5.44 -11.17
CA VAL A 44 1.18 6.80 -10.76
C VAL A 44 0.15 7.37 -9.80
N GLU A 45 -1.13 7.31 -10.21
CA GLU A 45 -2.21 7.82 -9.38
C GLU A 45 -2.64 6.78 -8.34
N LEU A 46 -2.77 5.54 -8.80
CA LEU A 46 -3.18 4.45 -7.91
C LEU A 46 -2.31 4.40 -6.66
N MET A 47 -1.01 4.54 -6.85
CA MET A 47 -0.07 4.52 -5.73
C MET A 47 -0.06 5.86 -5.00
N MET A 48 -0.33 6.93 -5.74
CA MET A 48 -0.36 8.27 -5.15
C MET A 48 -1.32 8.33 -3.97
N ALA A 49 -2.39 7.54 -4.04
CA ALA A 49 -3.38 7.51 -2.98
C ALA A 49 -2.76 7.05 -1.67
N ILE A 50 -1.60 6.42 -1.75
CA ILE A 50 -0.90 5.94 -0.57
C ILE A 50 -0.19 7.07 0.16
N GLU A 51 0.12 8.14 -0.58
CA GLU A 51 0.79 9.30 -0.01
C GLU A 51 -0.20 10.24 0.66
N VAL A 52 -1.35 10.43 0.01
CA VAL A 52 -2.39 11.31 0.55
C VAL A 52 -3.11 10.65 1.72
N GLU A 53 -3.04 9.32 1.78
CA GLU A 53 -3.69 8.57 2.85
C GLU A 53 -2.80 8.49 4.08
N TYR A 54 -1.59 8.00 3.90
CA TYR A 54 -0.63 7.88 5.00
C TYR A 54 -0.05 9.24 5.37
N GLY A 55 -0.05 10.16 4.42
CA GLY A 55 0.49 11.48 4.66
C GLY A 55 2.00 11.51 4.72
N ILE A 56 2.62 10.44 4.23
CA ILE A 56 4.08 10.33 4.22
C ILE A 56 4.63 10.41 2.81
N ASP A 57 5.95 10.24 2.68
CA ASP A 57 6.60 10.28 1.39
C ASP A 57 7.27 8.95 1.07
N ILE A 58 7.09 8.47 -0.16
CA ILE A 58 7.68 7.22 -0.59
C ILE A 58 8.25 7.32 -2.00
N PRO A 59 9.56 7.60 -2.08
CA PRO A 59 10.25 7.73 -3.37
C PRO A 59 10.38 6.40 -4.10
N ASP A 60 10.69 6.47 -5.40
CA ASP A 60 10.84 5.28 -6.21
C ASP A 60 11.77 4.27 -5.54
N ASP A 61 12.85 4.77 -4.95
CA ASP A 61 13.82 3.93 -4.27
C ASP A 61 13.14 3.05 -3.22
N GLU A 62 12.14 3.61 -2.56
CA GLU A 62 11.40 2.89 -1.52
C GLU A 62 10.03 2.47 -2.02
N ALA A 63 9.80 2.62 -3.33
CA ALA A 63 8.53 2.25 -3.93
C ALA A 63 8.34 0.75 -3.97
N THR A 64 9.44 0.01 -3.78
CA THR A 64 9.39 -1.44 -3.79
C THR A 64 9.53 -2.01 -2.38
N LYS A 65 9.30 -1.17 -1.38
CA LYS A 65 9.40 -1.59 0.01
C LYS A 65 8.06 -1.41 0.73
N ILE A 66 7.03 -1.06 -0.03
CA ILE A 66 5.70 -0.86 0.54
C ILE A 66 4.62 -1.34 -0.43
N LYS A 67 5.03 -2.11 -1.43
CA LYS A 67 4.09 -2.64 -2.42
C LYS A 67 3.27 -3.78 -1.82
N THR A 68 3.94 -4.68 -1.11
CA THR A 68 3.27 -5.82 -0.50
C THR A 68 2.65 -5.44 0.84
N VAL A 69 1.70 -6.23 1.30
CA VAL A 69 1.02 -5.98 2.57
C VAL A 69 1.99 -6.11 3.74
N SER A 70 2.98 -6.99 3.59
CA SER A 70 3.97 -7.21 4.63
C SER A 70 5.08 -6.16 4.57
N ASP A 71 5.32 -5.64 3.37
CA ASP A 71 6.35 -4.62 3.17
C ASP A 71 5.82 -3.23 3.51
N VAL A 72 4.56 -2.99 3.18
CA VAL A 72 3.93 -1.71 3.45
C VAL A 72 3.82 -1.45 4.95
N ILE A 73 3.52 -2.50 5.70
CA ILE A 73 3.39 -2.40 7.15
C ILE A 73 4.75 -2.47 7.84
N LYS A 74 5.70 -3.12 7.17
CA LYS A 74 7.05 -3.26 7.71
C LYS A 74 7.88 -2.00 7.46
N TYR A 75 7.64 -1.37 6.31
CA TYR A 75 8.36 -0.15 5.96
C TYR A 75 7.73 1.07 6.62
N ILE A 76 6.48 1.35 6.27
CA ILE A 76 5.76 2.48 6.82
C ILE A 76 5.90 2.53 8.34
N LYS A 77 5.90 1.35 8.97
CA LYS A 77 6.04 1.27 10.41
C LYS A 77 7.24 2.06 10.91
N GLU A 78 8.33 2.00 10.14
CA GLU A 78 9.55 2.71 10.50
C GLU A 78 9.57 4.11 9.89
N ARG A 79 8.72 4.31 8.89
CA ARG A 79 8.64 5.60 8.21
C ARG A 79 7.95 6.64 9.09
N GLN A 80 6.82 6.24 9.69
CA GLN A 80 6.06 7.13 10.55
C GLN A 80 6.14 6.68 12.00
N SER A 81 5.47 7.42 12.89
CA SER A 81 5.47 7.09 14.31
C SER A 81 4.08 6.65 14.77
N MET A 1 -2.68 0.26 24.51
CA MET A 1 -1.75 1.32 24.88
C MET A 1 -0.53 1.32 23.94
N SER A 2 -0.80 1.19 22.64
CA SER A 2 0.27 1.17 21.65
C SER A 2 -0.12 1.97 20.42
N THR A 3 0.84 2.70 19.87
CA THR A 3 0.59 3.51 18.68
C THR A 3 0.88 2.73 17.40
N THR A 4 0.27 3.15 16.30
CA THR A 4 0.46 2.50 15.02
C THR A 4 -0.07 1.06 15.06
N ASP A 5 -1.25 0.90 15.64
CA ASP A 5 -1.87 -0.43 15.74
C ASP A 5 -2.99 -0.59 14.72
N LYS A 6 -3.79 0.47 14.56
CA LYS A 6 -4.91 0.45 13.63
C LYS A 6 -4.40 0.38 12.18
N ILE A 7 -3.23 0.97 11.94
CA ILE A 7 -2.65 0.97 10.61
C ILE A 7 -2.49 -0.46 10.08
N GLU A 8 -2.25 -1.40 10.98
CA GLU A 8 -2.09 -2.80 10.62
C GLU A 8 -3.34 -3.34 9.94
N GLN A 9 -4.42 -3.44 10.70
CA GLN A 9 -5.69 -3.94 10.18
C GLN A 9 -6.25 -3.01 9.12
N LYS A 10 -5.78 -1.76 9.11
CA LYS A 10 -6.22 -0.77 8.15
C LYS A 10 -5.56 -0.99 6.79
N VAL A 11 -4.64 -1.95 6.75
CA VAL A 11 -3.93 -2.27 5.51
C VAL A 11 -4.87 -2.86 4.47
N ILE A 12 -5.92 -3.52 4.94
CA ILE A 12 -6.90 -4.13 4.05
C ILE A 12 -7.72 -3.07 3.33
N GLU A 13 -8.05 -2.00 4.04
CA GLU A 13 -8.84 -0.91 3.47
C GLU A 13 -7.97 -0.04 2.57
N MET A 14 -6.67 -0.10 2.77
CA MET A 14 -5.73 0.69 1.98
C MET A 14 -5.51 0.06 0.61
N VAL A 15 -4.96 -1.15 0.60
CA VAL A 15 -4.71 -1.86 -0.65
C VAL A 15 -5.99 -2.06 -1.45
N ALA A 16 -7.12 -2.03 -0.75
CA ALA A 16 -8.42 -2.20 -1.41
C ALA A 16 -8.80 -0.95 -2.20
N GLU A 17 -8.22 0.18 -1.82
CA GLU A 17 -8.50 1.44 -2.49
C GLU A 17 -7.35 1.84 -3.42
N LYS A 18 -6.14 1.49 -3.01
CA LYS A 18 -4.95 1.80 -3.80
C LYS A 18 -5.11 1.31 -5.25
N LEU A 19 -5.40 0.02 -5.39
CA LEU A 19 -5.58 -0.57 -6.71
C LEU A 19 -7.02 -1.05 -6.91
N ASN A 20 -7.92 -0.51 -6.10
CA ASN A 20 -9.33 -0.89 -6.18
C ASN A 20 -9.50 -2.41 -6.13
N LYS A 21 -8.74 -3.05 -5.25
CA LYS A 21 -8.79 -4.49 -5.09
C LYS A 21 -9.90 -4.90 -4.12
N ASP A 22 -10.80 -5.77 -4.58
CA ASP A 22 -11.90 -6.23 -3.75
C ASP A 22 -11.39 -6.89 -2.48
N LYS A 23 -12.19 -6.83 -1.42
CA LYS A 23 -11.81 -7.43 -0.14
C LYS A 23 -11.57 -8.92 -0.29
N ALA A 24 -12.20 -9.52 -1.30
CA ALA A 24 -12.05 -10.95 -1.55
C ALA A 24 -10.75 -11.25 -2.30
N ILE A 25 -10.01 -10.19 -2.62
CA ILE A 25 -8.74 -10.33 -3.33
C ILE A 25 -7.57 -9.89 -2.47
N ILE A 26 -7.86 -9.05 -1.48
CA ILE A 26 -6.83 -8.54 -0.58
C ILE A 26 -5.98 -9.68 -0.02
N THR A 27 -4.73 -9.74 -0.45
CA THR A 27 -3.82 -10.78 0.01
C THR A 27 -2.40 -10.25 0.17
N THR A 28 -1.71 -10.71 1.21
CA THR A 28 -0.34 -10.27 1.48
C THR A 28 0.56 -10.50 0.27
N ASP A 29 0.26 -11.56 -0.49
CA ASP A 29 1.04 -11.88 -1.68
C ASP A 29 0.33 -11.42 -2.94
N SER A 30 -0.51 -10.40 -2.80
CA SER A 30 -1.25 -9.87 -3.94
C SER A 30 -0.30 -9.35 -5.01
N ARG A 31 -0.66 -9.59 -6.26
CA ARG A 31 0.15 -9.16 -7.40
C ARG A 31 -0.69 -8.41 -8.42
N PHE A 32 -1.47 -7.43 -7.95
CA PHE A 32 -2.32 -6.64 -8.82
C PHE A 32 -1.53 -6.09 -10.00
N ILE A 33 -0.25 -5.80 -9.77
CA ILE A 33 0.62 -5.27 -10.81
C ILE A 33 0.64 -6.18 -12.03
N GLU A 34 0.74 -7.49 -11.78
CA GLU A 34 0.77 -8.47 -12.85
C GLU A 34 -0.63 -8.96 -13.19
N ASP A 35 -1.31 -9.49 -12.18
CA ASP A 35 -2.67 -10.01 -12.36
C ASP A 35 -3.56 -8.95 -13.00
N LEU A 36 -3.64 -7.78 -12.37
CA LEU A 36 -4.45 -6.68 -12.88
C LEU A 36 -3.73 -5.92 -13.98
N LYS A 37 -2.46 -6.28 -14.21
CA LYS A 37 -1.66 -5.62 -15.23
C LYS A 37 -1.70 -4.11 -15.08
N ALA A 38 -1.34 -3.62 -13.89
CA ALA A 38 -1.34 -2.19 -13.62
C ALA A 38 -0.29 -1.48 -14.46
N ASP A 39 -0.75 -0.66 -15.40
CA ASP A 39 0.15 0.09 -16.28
C ASP A 39 1.12 0.95 -15.46
N SER A 40 2.05 1.59 -16.16
CA SER A 40 3.04 2.45 -15.49
C SER A 40 2.42 3.77 -15.08
N LEU A 41 1.83 4.47 -16.04
CA LEU A 41 1.20 5.76 -15.79
C LEU A 41 0.06 5.62 -14.79
N ASP A 42 -0.50 4.42 -14.71
CA ASP A 42 -1.60 4.16 -13.79
C ASP A 42 -1.08 3.89 -12.38
N THR A 43 -0.09 3.01 -12.28
CA THR A 43 0.50 2.67 -10.98
C THR A 43 0.93 3.92 -10.23
N VAL A 44 1.71 4.77 -10.89
CA VAL A 44 2.20 6.00 -10.29
C VAL A 44 1.05 6.79 -9.67
N GLU A 45 -0.12 6.70 -10.28
CA GLU A 45 -1.30 7.41 -9.80
C GLU A 45 -1.99 6.62 -8.69
N LEU A 46 -2.01 5.30 -8.83
CA LEU A 46 -2.64 4.42 -7.85
C LEU A 46 -1.88 4.46 -6.52
N MET A 47 -0.59 4.15 -6.58
CA MET A 47 0.24 4.15 -5.39
C MET A 47 0.29 5.54 -4.76
N MET A 48 0.20 6.57 -5.60
CA MET A 48 0.23 7.95 -5.12
C MET A 48 -0.79 8.17 -4.01
N ALA A 49 -1.97 7.57 -4.18
CA ALA A 49 -3.03 7.71 -3.19
C ALA A 49 -2.56 7.26 -1.82
N ILE A 50 -1.62 6.32 -1.80
CA ILE A 50 -1.09 5.81 -0.54
C ILE A 50 -0.34 6.90 0.23
N GLU A 51 0.12 7.92 -0.50
CA GLU A 51 0.85 9.02 0.12
C GLU A 51 -0.12 10.05 0.70
N VAL A 52 -1.13 10.41 -0.07
CA VAL A 52 -2.13 11.38 0.38
C VAL A 52 -3.10 10.75 1.37
N GLU A 53 -3.13 9.42 1.41
CA GLU A 53 -4.01 8.70 2.31
C GLU A 53 -3.41 8.62 3.71
N TYR A 54 -2.20 8.10 3.80
CA TYR A 54 -1.51 7.96 5.08
C TYR A 54 -0.84 9.27 5.48
N GLY A 55 -0.52 10.10 4.49
CA GLY A 55 0.11 11.37 4.76
C GLY A 55 1.62 11.26 4.82
N ILE A 56 2.17 10.33 4.06
CA ILE A 56 3.62 10.12 4.02
C ILE A 56 4.15 10.20 2.59
N ASP A 57 5.45 10.00 2.44
CA ASP A 57 6.09 10.04 1.13
C ASP A 57 6.78 8.71 0.82
N ILE A 58 6.61 8.25 -0.41
CA ILE A 58 7.22 6.99 -0.83
C ILE A 58 7.75 7.09 -2.27
N PRO A 59 9.04 7.40 -2.40
CA PRO A 59 9.70 7.53 -3.71
C PRO A 59 9.84 6.19 -4.42
N ASP A 60 10.11 6.25 -5.72
CA ASP A 60 10.26 5.03 -6.51
C ASP A 60 11.27 4.09 -5.87
N ASP A 61 12.31 4.65 -5.26
CA ASP A 61 13.34 3.86 -4.60
C ASP A 61 12.72 2.97 -3.51
N GLU A 62 11.71 3.50 -2.82
CA GLU A 62 11.05 2.76 -1.76
C GLU A 62 9.68 2.28 -2.21
N ALA A 63 9.43 2.36 -3.51
CA ALA A 63 8.15 1.93 -4.07
C ALA A 63 8.00 0.41 -3.99
N THR A 64 9.11 -0.27 -3.73
CA THR A 64 9.11 -1.73 -3.63
C THR A 64 9.27 -2.18 -2.19
N LYS A 65 9.02 -1.27 -1.26
CA LYS A 65 9.12 -1.57 0.16
C LYS A 65 7.79 -1.37 0.86
N ILE A 66 6.74 -1.14 0.08
CA ILE A 66 5.40 -0.93 0.63
C ILE A 66 4.34 -1.52 -0.29
N LYS A 67 4.77 -2.36 -1.23
CA LYS A 67 3.86 -3.00 -2.17
C LYS A 67 3.06 -4.09 -1.49
N THR A 68 3.77 -5.04 -0.87
CA THR A 68 3.12 -6.15 -0.17
C THR A 68 2.50 -5.69 1.15
N VAL A 69 1.39 -6.30 1.52
CA VAL A 69 0.71 -5.96 2.76
C VAL A 69 1.67 -6.03 3.95
N SER A 70 2.64 -6.92 3.87
CA SER A 70 3.63 -7.09 4.94
C SER A 70 4.66 -5.98 4.90
N ASP A 71 4.98 -5.51 3.69
CA ASP A 71 5.95 -4.45 3.52
C ASP A 71 5.32 -3.08 3.73
N VAL A 72 3.99 -3.01 3.56
CA VAL A 72 3.27 -1.77 3.74
C VAL A 72 3.42 -1.23 5.15
N ILE A 73 2.87 -1.96 6.12
CA ILE A 73 2.95 -1.56 7.51
C ILE A 73 4.40 -1.60 8.02
N LYS A 74 5.14 -2.61 7.59
CA LYS A 74 6.53 -2.76 7.99
C LYS A 74 7.33 -1.50 7.68
N TYR A 75 7.27 -1.07 6.43
CA TYR A 75 7.99 0.12 5.99
C TYR A 75 7.32 1.38 6.53
N ILE A 76 6.02 1.54 6.22
CA ILE A 76 5.27 2.70 6.67
C ILE A 76 5.45 2.94 8.17
N LYS A 77 5.71 1.85 8.90
CA LYS A 77 5.91 1.94 10.34
C LYS A 77 7.09 2.86 10.67
N GLU A 78 8.29 2.42 10.29
CA GLU A 78 9.50 3.21 10.55
C GLU A 78 9.43 4.55 9.84
N ARG A 79 8.68 4.60 8.75
CA ARG A 79 8.54 5.83 7.98
C ARG A 79 7.65 6.83 8.71
N GLN A 80 6.69 6.33 9.48
CA GLN A 80 5.77 7.17 10.22
C GLN A 80 6.53 8.01 11.26
N SER A 81 6.25 9.31 11.28
CA SER A 81 6.91 10.21 12.21
C SER A 81 6.11 10.33 13.50
N MET A 1 1.87 -1.98 25.21
CA MET A 1 1.14 -0.98 24.45
C MET A 1 2.07 -0.27 23.46
N SER A 2 1.80 -0.45 22.17
CA SER A 2 2.61 0.17 21.13
C SER A 2 1.74 0.97 20.17
N THR A 3 2.35 1.95 19.50
CA THR A 3 1.63 2.78 18.55
C THR A 3 1.69 2.20 17.14
N THR A 4 0.88 2.74 16.24
CA THR A 4 0.84 2.27 14.87
C THR A 4 0.47 0.80 14.79
N ASP A 5 -0.70 0.46 15.34
CA ASP A 5 -1.16 -0.93 15.33
C ASP A 5 -2.36 -1.09 14.41
N LYS A 6 -3.34 -0.21 14.55
CA LYS A 6 -4.55 -0.25 13.72
C LYS A 6 -4.18 -0.24 12.24
N ILE A 7 -3.12 0.49 11.89
CA ILE A 7 -2.68 0.58 10.51
C ILE A 7 -2.44 -0.80 9.91
N GLU A 8 -2.00 -1.73 10.75
CA GLU A 8 -1.75 -3.10 10.30
C GLU A 8 -2.97 -3.69 9.61
N GLN A 9 -4.03 -3.90 10.38
CA GLN A 9 -5.27 -4.45 9.84
C GLN A 9 -5.94 -3.46 8.89
N LYS A 10 -5.65 -2.18 9.08
CA LYS A 10 -6.23 -1.14 8.24
C LYS A 10 -5.69 -1.22 6.82
N VAL A 11 -4.63 -2.00 6.63
CA VAL A 11 -4.03 -2.17 5.32
C VAL A 11 -5.04 -2.68 4.30
N ILE A 12 -6.03 -3.44 4.78
CA ILE A 12 -7.07 -3.98 3.92
C ILE A 12 -7.92 -2.88 3.31
N GLU A 13 -8.19 -1.84 4.11
CA GLU A 13 -8.99 -0.72 3.64
C GLU A 13 -8.18 0.19 2.74
N MET A 14 -6.86 0.10 2.85
CA MET A 14 -5.97 0.92 2.03
C MET A 14 -5.78 0.30 0.65
N VAL A 15 -5.21 -0.90 0.61
CA VAL A 15 -4.97 -1.59 -0.64
C VAL A 15 -6.25 -1.68 -1.48
N ALA A 16 -7.37 -1.92 -0.80
CA ALA A 16 -8.66 -2.02 -1.49
C ALA A 16 -8.97 -0.75 -2.26
N GLU A 17 -8.36 0.37 -1.85
CA GLU A 17 -8.57 1.65 -2.50
C GLU A 17 -7.36 2.03 -3.35
N LYS A 18 -6.22 1.42 -3.05
CA LYS A 18 -4.99 1.70 -3.77
C LYS A 18 -5.10 1.25 -5.23
N LEU A 19 -5.39 -0.03 -5.41
CA LEU A 19 -5.53 -0.60 -6.75
C LEU A 19 -6.97 -1.08 -7.00
N ASN A 20 -7.89 -0.59 -6.19
CA ASN A 20 -9.29 -0.96 -6.32
C ASN A 20 -9.47 -2.48 -6.24
N LYS A 21 -8.97 -3.07 -5.15
CA LYS A 21 -9.07 -4.51 -4.96
C LYS A 21 -10.18 -4.85 -3.97
N ASP A 22 -11.15 -5.63 -4.42
CA ASP A 22 -12.27 -6.04 -3.57
C ASP A 22 -11.77 -6.60 -2.25
N LYS A 23 -12.53 -6.36 -1.18
CA LYS A 23 -12.16 -6.84 0.15
C LYS A 23 -12.04 -8.37 0.15
N ALA A 24 -12.73 -9.01 -0.78
CA ALA A 24 -12.69 -10.46 -0.88
C ALA A 24 -11.46 -10.94 -1.65
N ILE A 25 -10.64 -9.99 -2.06
CA ILE A 25 -9.42 -10.31 -2.80
C ILE A 25 -8.17 -9.85 -2.06
N ILE A 26 -8.36 -8.88 -1.17
CA ILE A 26 -7.25 -8.36 -0.38
C ILE A 26 -6.45 -9.49 0.27
N THR A 27 -5.17 -9.59 -0.10
CA THR A 27 -4.30 -10.62 0.45
C THR A 27 -2.93 -10.07 0.79
N THR A 28 -2.29 -10.65 1.80
CA THR A 28 -0.97 -10.21 2.22
C THR A 28 0.00 -10.16 1.05
N ASP A 29 -0.10 -11.15 0.17
CA ASP A 29 0.77 -11.22 -1.00
C ASP A 29 0.03 -10.73 -2.25
N SER A 30 -0.91 -9.83 -2.06
CA SER A 30 -1.69 -9.29 -3.16
C SER A 30 -0.78 -8.83 -4.30
N ARG A 31 -0.93 -9.45 -5.46
CA ARG A 31 -0.12 -9.11 -6.63
C ARG A 31 -0.96 -8.39 -7.68
N PHE A 32 -1.69 -7.36 -7.25
CA PHE A 32 -2.53 -6.61 -8.17
C PHE A 32 -1.76 -6.20 -9.42
N ILE A 33 -0.47 -5.95 -9.26
CA ILE A 33 0.39 -5.55 -10.37
C ILE A 33 0.33 -6.58 -11.50
N GLU A 34 0.38 -7.85 -11.12
CA GLU A 34 0.34 -8.94 -12.09
C GLU A 34 -1.10 -9.39 -12.34
N ASP A 35 -1.78 -9.80 -11.27
CA ASP A 35 -3.16 -10.25 -11.37
C ASP A 35 -4.02 -9.21 -12.07
N LEU A 36 -4.03 -7.99 -11.54
CA LEU A 36 -4.81 -6.91 -12.11
C LEU A 36 -4.08 -6.26 -13.28
N LYS A 37 -2.86 -6.72 -13.54
CA LYS A 37 -2.06 -6.19 -14.63
C LYS A 37 -1.99 -4.67 -14.57
N ALA A 38 -1.61 -4.14 -13.41
CA ALA A 38 -1.51 -2.70 -13.22
C ALA A 38 -0.45 -2.10 -14.16
N ASP A 39 -0.90 -1.27 -15.09
CA ASP A 39 0.00 -0.64 -16.04
C ASP A 39 1.12 0.12 -15.31
N SER A 40 2.04 0.67 -16.08
CA SER A 40 3.17 1.42 -15.52
C SER A 40 2.78 2.87 -15.27
N LEU A 41 2.04 3.45 -16.21
CA LEU A 41 1.61 4.84 -16.10
C LEU A 41 0.48 4.98 -15.08
N ASP A 42 -0.28 3.90 -14.89
CA ASP A 42 -1.38 3.90 -13.95
C ASP A 42 -0.89 3.64 -12.53
N THR A 43 0.07 2.73 -12.40
CA THR A 43 0.63 2.39 -11.10
C THR A 43 1.08 3.63 -10.35
N VAL A 44 1.92 4.44 -10.99
CA VAL A 44 2.42 5.66 -10.38
C VAL A 44 1.28 6.50 -9.82
N GLU A 45 0.12 6.40 -10.46
CA GLU A 45 -1.06 7.16 -10.02
C GLU A 45 -1.79 6.43 -8.90
N LEU A 46 -1.88 5.11 -9.02
CA LEU A 46 -2.56 4.29 -8.02
C LEU A 46 -1.80 4.33 -6.69
N MET A 47 -0.53 3.94 -6.74
CA MET A 47 0.31 3.93 -5.54
C MET A 47 0.40 5.33 -4.92
N MET A 48 0.37 6.35 -5.78
CA MET A 48 0.45 7.72 -5.33
C MET A 48 -0.60 8.00 -4.26
N ALA A 49 -1.77 7.39 -4.40
CA ALA A 49 -2.86 7.57 -3.44
C ALA A 49 -2.41 7.21 -2.03
N ILE A 50 -1.53 6.22 -1.93
CA ILE A 50 -1.02 5.78 -0.64
C ILE A 50 -0.30 6.91 0.09
N GLU A 51 0.19 7.87 -0.67
CA GLU A 51 0.91 9.01 -0.11
C GLU A 51 -0.08 10.06 0.41
N VAL A 52 -1.03 10.44 -0.43
CA VAL A 52 -2.03 11.44 -0.06
C VAL A 52 -3.02 10.87 0.95
N GLU A 53 -3.05 9.55 1.06
CA GLU A 53 -3.95 8.87 1.99
C GLU A 53 -3.35 8.80 3.39
N TYR A 54 -2.14 8.23 3.47
CA TYR A 54 -1.46 8.10 4.75
C TYR A 54 -0.85 9.42 5.18
N GLY A 55 -0.57 10.29 4.22
CA GLY A 55 0.02 11.58 4.51
C GLY A 55 1.52 11.53 4.62
N ILE A 56 2.12 10.48 4.07
CA ILE A 56 3.57 10.31 4.10
C ILE A 56 4.17 10.42 2.70
N ASP A 57 5.49 10.25 2.62
CA ASP A 57 6.18 10.33 1.35
C ASP A 57 6.86 9.00 1.01
N ILE A 58 6.88 8.66 -0.27
CA ILE A 58 7.49 7.41 -0.73
C ILE A 58 8.17 7.59 -2.08
N PRO A 59 9.48 7.86 -2.05
CA PRO A 59 10.27 8.05 -3.27
C PRO A 59 10.45 6.76 -4.06
N ASP A 60 10.85 6.89 -5.31
CA ASP A 60 11.07 5.74 -6.18
C ASP A 60 11.97 4.71 -5.50
N ASP A 61 12.95 5.20 -4.76
CA ASP A 61 13.88 4.33 -4.06
C ASP A 61 13.13 3.39 -3.10
N GLU A 62 12.07 3.91 -2.49
CA GLU A 62 11.28 3.12 -1.56
C GLU A 62 9.95 2.70 -2.18
N ALA A 63 9.85 2.88 -3.50
CA ALA A 63 8.63 2.52 -4.21
C ALA A 63 8.34 1.03 -4.10
N THR A 64 9.40 0.24 -3.91
CA THR A 64 9.25 -1.20 -3.78
C THR A 64 9.34 -1.64 -2.33
N LYS A 65 9.15 -0.69 -1.41
CA LYS A 65 9.20 -0.97 0.02
C LYS A 65 7.82 -0.85 0.64
N ILE A 66 6.82 -0.59 -0.19
CA ILE A 66 5.44 -0.46 0.28
C ILE A 66 4.46 -1.03 -0.73
N LYS A 67 4.98 -1.80 -1.69
CA LYS A 67 4.14 -2.40 -2.71
C LYS A 67 3.31 -3.55 -2.13
N THR A 68 3.98 -4.47 -1.47
CA THR A 68 3.31 -5.62 -0.86
C THR A 68 2.66 -5.23 0.47
N VAL A 69 1.53 -5.86 0.77
CA VAL A 69 0.81 -5.59 2.02
C VAL A 69 1.72 -5.75 3.22
N SER A 70 2.72 -6.62 3.09
CA SER A 70 3.66 -6.86 4.18
C SER A 70 4.71 -5.74 4.26
N ASP A 71 5.06 -5.19 3.11
CA ASP A 71 6.04 -4.11 3.04
C ASP A 71 5.39 -2.77 3.33
N VAL A 72 4.09 -2.69 3.12
CA VAL A 72 3.34 -1.46 3.37
C VAL A 72 3.42 -1.04 4.83
N ILE A 73 2.84 -1.85 5.71
CA ILE A 73 2.85 -1.56 7.13
C ILE A 73 4.26 -1.67 7.71
N LYS A 74 5.11 -2.43 7.03
CA LYS A 74 6.49 -2.62 7.46
C LYS A 74 7.28 -1.33 7.30
N TYR A 75 7.28 -0.79 6.09
CA TYR A 75 8.00 0.44 5.80
C TYR A 75 7.28 1.65 6.36
N ILE A 76 6.00 1.80 6.00
CA ILE A 76 5.19 2.91 6.48
C ILE A 76 5.32 3.07 7.99
N LYS A 77 5.56 1.96 8.68
CA LYS A 77 5.71 1.98 10.13
C LYS A 77 6.88 2.85 10.55
N GLU A 78 8.09 2.43 10.20
CA GLU A 78 9.29 3.18 10.54
C GLU A 78 9.26 4.58 9.93
N ARG A 79 8.54 4.71 8.82
CA ARG A 79 8.43 5.98 8.13
C ARG A 79 7.53 6.94 8.90
N GLN A 80 6.50 6.39 9.54
CA GLN A 80 5.57 7.20 10.32
C GLN A 80 6.26 7.84 11.52
N SER A 81 5.83 9.05 11.85
CA SER A 81 6.42 9.78 12.98
C SER A 81 5.39 9.96 14.10
N MET A 1 -3.94 2.66 23.80
CA MET A 1 -2.61 2.67 23.22
C MET A 1 -2.62 2.08 21.81
N SER A 2 -3.49 2.63 20.96
CA SER A 2 -3.61 2.15 19.58
C SER A 2 -3.41 3.30 18.60
N THR A 3 -2.15 3.58 18.25
CA THR A 3 -1.82 4.65 17.33
C THR A 3 -1.41 4.09 15.97
N THR A 4 -0.57 3.05 15.99
CA THR A 4 -0.09 2.43 14.77
C THR A 4 -0.69 1.03 14.59
N ASP A 5 -1.11 0.43 15.70
CA ASP A 5 -1.70 -0.90 15.66
C ASP A 5 -2.82 -0.98 14.64
N LYS A 6 -3.64 0.07 14.59
CA LYS A 6 -4.76 0.13 13.66
C LYS A 6 -4.29 -0.04 12.22
N ILE A 7 -3.15 0.57 11.91
CA ILE A 7 -2.58 0.48 10.57
C ILE A 7 -2.41 -0.97 10.14
N GLU A 8 -2.07 -1.83 11.09
CA GLU A 8 -1.88 -3.25 10.81
C GLU A 8 -3.10 -3.83 10.09
N GLN A 9 -4.28 -3.63 10.67
CA GLN A 9 -5.51 -4.13 10.09
C GLN A 9 -6.02 -3.19 9.01
N LYS A 10 -5.56 -1.94 9.04
CA LYS A 10 -5.97 -0.94 8.07
C LYS A 10 -5.22 -1.13 6.76
N VAL A 11 -4.28 -2.07 6.74
CA VAL A 11 -3.48 -2.35 5.55
C VAL A 11 -4.35 -2.93 4.44
N ILE A 12 -5.40 -3.64 4.83
CA ILE A 12 -6.31 -4.25 3.88
C ILE A 12 -7.17 -3.21 3.17
N GLU A 13 -7.57 -2.19 3.93
CA GLU A 13 -8.39 -1.12 3.39
C GLU A 13 -7.57 -0.20 2.49
N MET A 14 -6.26 -0.19 2.72
CA MET A 14 -5.35 0.65 1.93
C MET A 14 -5.15 0.08 0.54
N VAL A 15 -4.58 -1.13 0.47
CA VAL A 15 -4.34 -1.78 -0.80
C VAL A 15 -5.61 -1.87 -1.64
N ALA A 16 -6.73 -2.14 -0.97
CA ALA A 16 -8.01 -2.25 -1.65
C ALA A 16 -8.37 -0.95 -2.37
N GLU A 17 -7.78 0.15 -1.91
CA GLU A 17 -8.04 1.45 -2.50
C GLU A 17 -6.86 1.89 -3.38
N LYS A 18 -5.69 1.32 -3.12
CA LYS A 18 -4.49 1.64 -3.89
C LYS A 18 -4.66 1.26 -5.35
N LEU A 19 -4.95 -0.01 -5.59
CA LEU A 19 -5.14 -0.51 -6.95
C LEU A 19 -6.57 -1.00 -7.15
N ASN A 20 -7.48 -0.52 -6.31
CA ASN A 20 -8.89 -0.90 -6.40
C ASN A 20 -9.04 -2.42 -6.37
N LYS A 21 -8.62 -3.03 -5.27
CA LYS A 21 -8.72 -4.48 -5.10
C LYS A 21 -9.77 -4.85 -4.06
N ASP A 22 -10.70 -5.70 -4.45
CA ASP A 22 -11.77 -6.14 -3.55
C ASP A 22 -11.19 -6.80 -2.31
N LYS A 23 -11.92 -6.72 -1.20
CA LYS A 23 -11.48 -7.31 0.05
C LYS A 23 -11.29 -8.82 -0.09
N ALA A 24 -11.90 -9.40 -1.13
CA ALA A 24 -11.80 -10.83 -1.38
C ALA A 24 -10.59 -11.14 -2.26
N ILE A 25 -9.83 -10.10 -2.61
CA ILE A 25 -8.66 -10.27 -3.45
C ILE A 25 -7.39 -9.84 -2.71
N ILE A 26 -7.57 -9.02 -1.69
CA ILE A 26 -6.44 -8.53 -0.89
C ILE A 26 -5.56 -9.68 -0.43
N THR A 27 -4.35 -9.75 -0.98
CA THR A 27 -3.40 -10.80 -0.62
C THR A 27 -2.17 -10.23 0.06
N THR A 28 -1.43 -11.09 0.75
CA THR A 28 -0.23 -10.68 1.46
C THR A 28 0.88 -10.30 0.48
N ASP A 29 0.86 -10.93 -0.70
CA ASP A 29 1.87 -10.65 -1.72
C ASP A 29 1.55 -9.37 -2.47
N SER A 30 0.28 -8.97 -2.45
CA SER A 30 -0.16 -7.76 -3.13
C SER A 30 0.29 -7.77 -4.59
N ARG A 31 -0.31 -8.66 -5.38
CA ARG A 31 0.03 -8.77 -6.79
C ARG A 31 -0.99 -8.04 -7.66
N PHE A 32 -1.53 -6.95 -7.12
CA PHE A 32 -2.53 -6.16 -7.85
C PHE A 32 -2.04 -5.81 -9.25
N ILE A 33 -0.73 -5.64 -9.38
CA ILE A 33 -0.12 -5.29 -10.66
C ILE A 33 -0.49 -6.33 -11.73
N GLU A 34 -0.43 -7.61 -11.35
CA GLU A 34 -0.76 -8.68 -12.27
C GLU A 34 -2.24 -9.04 -12.19
N ASP A 35 -2.69 -9.39 -10.98
CA ASP A 35 -4.09 -9.76 -10.77
C ASP A 35 -5.02 -8.68 -11.30
N LEU A 36 -4.82 -7.45 -10.83
CA LEU A 36 -5.65 -6.32 -11.25
C LEU A 36 -5.16 -5.76 -12.57
N LYS A 37 -4.03 -6.28 -13.05
CA LYS A 37 -3.46 -5.83 -14.32
C LYS A 37 -3.32 -4.31 -14.33
N ALA A 38 -2.61 -3.77 -13.35
CA ALA A 38 -2.41 -2.33 -13.25
C ALA A 38 -1.63 -1.81 -14.46
N ASP A 39 -1.79 -0.53 -14.75
CA ASP A 39 -1.10 0.10 -15.87
C ASP A 39 0.12 0.89 -15.39
N SER A 40 0.88 1.43 -16.34
CA SER A 40 2.07 2.20 -16.02
C SER A 40 1.70 3.63 -15.61
N LEU A 41 0.95 4.31 -16.47
CA LEU A 41 0.53 5.68 -16.20
C LEU A 41 -0.48 5.72 -15.06
N ASP A 42 -1.13 4.59 -14.80
CA ASP A 42 -2.11 4.50 -13.73
C ASP A 42 -1.43 4.38 -12.37
N THR A 43 -0.43 3.50 -12.29
CA THR A 43 0.30 3.30 -11.05
C THR A 43 0.87 4.62 -10.52
N VAL A 44 1.10 5.56 -11.43
CA VAL A 44 1.64 6.86 -11.06
C VAL A 44 0.72 7.58 -10.08
N GLU A 45 -0.57 7.62 -10.40
CA GLU A 45 -1.55 8.28 -9.55
C GLU A 45 -2.02 7.34 -8.44
N LEU A 46 -2.10 6.05 -8.76
CA LEU A 46 -2.54 5.06 -7.79
C LEU A 46 -1.55 4.96 -6.63
N MET A 47 -0.30 4.65 -6.95
CA MET A 47 0.75 4.53 -5.94
C MET A 47 0.89 5.84 -5.14
N MET A 48 0.48 6.94 -5.75
CA MET A 48 0.55 8.24 -5.10
C MET A 48 -0.47 8.35 -3.98
N ALA A 49 -1.64 7.76 -4.19
CA ALA A 49 -2.70 7.78 -3.20
C ALA A 49 -2.22 7.26 -1.86
N ILE A 50 -1.32 6.29 -1.90
CA ILE A 50 -0.77 5.70 -0.68
C ILE A 50 -0.02 6.73 0.15
N GLU A 51 0.43 7.80 -0.51
CA GLU A 51 1.15 8.86 0.17
C GLU A 51 0.18 9.84 0.84
N VAL A 52 -0.83 10.27 0.10
CA VAL A 52 -1.82 11.20 0.62
C VAL A 52 -2.78 10.49 1.58
N GLU A 53 -2.80 9.16 1.52
CA GLU A 53 -3.67 8.38 2.38
C GLU A 53 -3.05 8.18 3.76
N TYR A 54 -1.83 7.65 3.78
CA TYR A 54 -1.12 7.42 5.03
C TYR A 54 -0.48 8.71 5.55
N GLY A 55 -0.21 9.63 4.64
CA GLY A 55 0.40 10.89 5.02
C GLY A 55 1.91 10.84 5.00
N ILE A 56 2.47 10.00 4.14
CA ILE A 56 3.92 9.86 4.03
C ILE A 56 4.36 9.92 2.57
N ASP A 57 5.66 9.75 2.35
CA ASP A 57 6.22 9.79 1.01
C ASP A 57 6.97 8.49 0.69
N ILE A 58 6.80 8.02 -0.54
CA ILE A 58 7.45 6.79 -0.96
C ILE A 58 7.93 6.89 -2.41
N PRO A 59 9.21 7.25 -2.58
CA PRO A 59 9.83 7.39 -3.90
C PRO A 59 10.01 6.05 -4.61
N ASP A 60 10.23 6.11 -5.91
CA ASP A 60 10.42 4.90 -6.70
C ASP A 60 11.48 4.00 -6.08
N ASP A 61 12.45 4.62 -5.41
CA ASP A 61 13.53 3.87 -4.77
C ASP A 61 12.99 2.98 -3.65
N GLU A 62 11.98 3.47 -2.94
CA GLU A 62 11.37 2.73 -1.86
C GLU A 62 10.01 2.17 -2.28
N ALA A 63 9.72 2.24 -3.57
CA ALA A 63 8.45 1.75 -4.09
C ALA A 63 8.26 0.27 -3.76
N THR A 64 9.36 -0.43 -3.50
CA THR A 64 9.31 -1.84 -3.19
C THR A 64 9.33 -2.06 -1.67
N LYS A 65 9.56 -0.98 -0.92
CA LYS A 65 9.61 -1.06 0.53
C LYS A 65 8.20 -1.05 1.12
N ILE A 66 7.21 -0.83 0.27
CA ILE A 66 5.82 -0.80 0.69
C ILE A 66 4.89 -1.40 -0.36
N LYS A 67 5.49 -2.11 -1.31
CA LYS A 67 4.72 -2.74 -2.38
C LYS A 67 3.90 -3.91 -1.85
N THR A 68 4.52 -4.75 -1.03
CA THR A 68 3.84 -5.90 -0.45
C THR A 68 3.20 -5.54 0.87
N VAL A 69 2.06 -6.18 1.16
CA VAL A 69 1.33 -5.93 2.40
C VAL A 69 2.24 -6.12 3.61
N SER A 70 3.25 -6.96 3.45
CA SER A 70 4.19 -7.24 4.54
C SER A 70 5.22 -6.12 4.67
N ASP A 71 5.60 -5.54 3.53
CA ASP A 71 6.58 -4.46 3.52
C ASP A 71 5.91 -3.12 3.82
N VAL A 72 4.60 -3.05 3.58
CA VAL A 72 3.85 -1.83 3.83
C VAL A 72 3.92 -1.42 5.30
N ILE A 73 3.33 -2.24 6.16
CA ILE A 73 3.34 -1.97 7.59
C ILE A 73 4.74 -2.10 8.18
N LYS A 74 5.59 -2.88 7.51
CA LYS A 74 6.95 -3.08 7.97
C LYS A 74 7.78 -1.81 7.77
N TYR A 75 7.66 -1.21 6.58
CA TYR A 75 8.41 0.00 6.27
C TYR A 75 7.68 1.24 6.83
N ILE A 76 6.43 1.41 6.44
CA ILE A 76 5.64 2.54 6.89
C ILE A 76 5.74 2.71 8.40
N LYS A 77 5.92 1.59 9.10
CA LYS A 77 6.04 1.62 10.56
C LYS A 77 7.09 2.62 11.00
N GLU A 78 8.35 2.32 10.68
CA GLU A 78 9.46 3.19 11.05
C GLU A 78 9.39 4.52 10.28
N ARG A 79 8.66 4.51 9.17
CA ARG A 79 8.51 5.71 8.34
C ARG A 79 7.60 6.72 9.03
N GLN A 80 6.67 6.22 9.84
CA GLN A 80 5.73 7.09 10.54
C GLN A 80 6.47 8.02 11.51
N SER A 81 6.25 9.31 11.35
CA SER A 81 6.89 10.31 12.20
C SER A 81 6.66 10.00 13.68
N MET A 1 -4.94 5.15 19.93
CA MET A 1 -4.45 5.02 18.55
C MET A 1 -3.13 5.76 18.39
N SER A 2 -2.19 5.52 19.30
CA SER A 2 -0.89 6.16 19.24
C SER A 2 0.17 5.22 18.69
N THR A 3 0.24 4.02 19.26
CA THR A 3 1.21 3.02 18.83
C THR A 3 0.83 2.45 17.47
N THR A 4 1.83 2.12 16.67
CA THR A 4 1.61 1.56 15.35
C THR A 4 1.23 0.09 15.43
N ASP A 5 -0.08 -0.18 15.54
CA ASP A 5 -0.57 -1.55 15.62
C ASP A 5 -1.79 -1.74 14.73
N LYS A 6 -2.79 -0.89 14.90
CA LYS A 6 -4.01 -0.97 14.11
C LYS A 6 -3.70 -0.89 12.61
N ILE A 7 -2.57 -0.26 12.29
CA ILE A 7 -2.16 -0.11 10.90
C ILE A 7 -1.95 -1.47 10.25
N GLU A 8 -1.52 -2.45 11.05
CA GLU A 8 -1.27 -3.79 10.54
C GLU A 8 -2.54 -4.38 9.91
N GLN A 9 -3.69 -4.09 10.53
CA GLN A 9 -4.96 -4.59 10.03
C GLN A 9 -5.61 -3.59 9.09
N LYS A 10 -5.31 -2.30 9.30
CA LYS A 10 -5.86 -1.24 8.46
C LYS A 10 -5.35 -1.36 7.03
N VAL A 11 -4.28 -2.11 6.85
CA VAL A 11 -3.69 -2.31 5.53
C VAL A 11 -4.75 -2.76 4.52
N ILE A 12 -5.76 -3.46 5.01
CA ILE A 12 -6.84 -3.95 4.15
C ILE A 12 -7.63 -2.79 3.57
N GLU A 13 -7.86 -1.76 4.38
CA GLU A 13 -8.61 -0.59 3.94
C GLU A 13 -7.77 0.27 3.01
N MET A 14 -6.45 0.14 3.10
CA MET A 14 -5.54 0.91 2.25
C MET A 14 -5.41 0.27 0.87
N VAL A 15 -4.91 -0.96 0.84
CA VAL A 15 -4.74 -1.69 -0.42
C VAL A 15 -6.05 -1.79 -1.18
N ALA A 16 -7.16 -1.71 -0.44
CA ALA A 16 -8.49 -1.80 -1.05
C ALA A 16 -8.85 -0.49 -1.75
N GLU A 17 -8.22 0.60 -1.33
CA GLU A 17 -8.48 1.90 -1.93
C GLU A 17 -7.34 2.31 -2.86
N LYS A 18 -6.20 1.66 -2.72
CA LYS A 18 -5.05 1.94 -3.55
C LYS A 18 -5.28 1.52 -5.00
N LEU A 19 -5.58 0.24 -5.20
CA LEU A 19 -5.83 -0.28 -6.53
C LEU A 19 -7.27 -0.79 -6.64
N ASN A 20 -8.14 -0.29 -5.76
CA ASN A 20 -9.55 -0.69 -5.77
C ASN A 20 -9.69 -2.20 -5.70
N LYS A 21 -9.05 -2.80 -4.69
CA LYS A 21 -9.10 -4.24 -4.51
C LYS A 21 -10.14 -4.61 -3.46
N ASP A 22 -11.12 -5.42 -3.84
CA ASP A 22 -12.17 -5.85 -2.94
C ASP A 22 -11.59 -6.67 -1.78
N LYS A 23 -12.29 -6.68 -0.65
CA LYS A 23 -11.84 -7.43 0.51
C LYS A 23 -11.68 -8.91 0.17
N ALA A 24 -12.37 -9.36 -0.86
CA ALA A 24 -12.30 -10.75 -1.29
C ALA A 24 -11.00 -11.03 -2.04
N ILE A 25 -10.24 -9.98 -2.31
CA ILE A 25 -8.98 -10.11 -3.03
C ILE A 25 -7.80 -9.68 -2.16
N ILE A 26 -8.09 -8.86 -1.15
CA ILE A 26 -7.05 -8.37 -0.25
C ILE A 26 -6.21 -9.53 0.29
N THR A 27 -5.00 -9.67 -0.24
CA THR A 27 -4.10 -10.74 0.19
C THR A 27 -2.72 -10.18 0.54
N THR A 28 -2.06 -10.83 1.49
CA THR A 28 -0.74 -10.40 1.92
C THR A 28 0.23 -10.32 0.75
N ASP A 29 -0.04 -11.10 -0.29
CA ASP A 29 0.79 -11.12 -1.48
C ASP A 29 0.00 -10.68 -2.71
N SER A 30 -1.00 -9.83 -2.49
CA SER A 30 -1.84 -9.34 -3.58
C SER A 30 -0.98 -8.76 -4.70
N ARG A 31 -0.92 -9.48 -5.83
CA ARG A 31 -0.14 -9.05 -6.97
C ARG A 31 -1.03 -8.44 -8.05
N PHE A 32 -1.91 -7.52 -7.64
CA PHE A 32 -2.83 -6.87 -8.56
C PHE A 32 -2.07 -6.31 -9.77
N ILE A 33 -0.83 -5.90 -9.54
CA ILE A 33 -0.01 -5.35 -10.62
C ILE A 33 0.11 -6.33 -11.78
N GLU A 34 0.30 -7.60 -11.46
CA GLU A 34 0.42 -8.64 -12.48
C GLU A 34 -0.94 -9.23 -12.82
N ASP A 35 -1.62 -9.76 -11.80
CA ASP A 35 -2.93 -10.36 -11.99
C ASP A 35 -3.87 -9.41 -12.71
N LEU A 36 -4.03 -8.21 -12.16
CA LEU A 36 -4.91 -7.21 -12.74
C LEU A 36 -4.19 -6.47 -13.87
N LYS A 37 -2.90 -6.74 -14.03
CA LYS A 37 -2.11 -6.09 -15.07
C LYS A 37 -2.27 -4.58 -15.02
N ALA A 38 -2.02 -4.00 -13.86
CA ALA A 38 -2.13 -2.56 -13.68
C ALA A 38 -1.15 -1.82 -14.59
N ASP A 39 -1.67 -0.87 -15.37
CA ASP A 39 -0.85 -0.09 -16.27
C ASP A 39 0.29 0.60 -15.52
N SER A 40 1.16 1.27 -16.26
CA SER A 40 2.29 1.97 -15.66
C SER A 40 1.99 3.45 -15.49
N LEU A 41 1.10 3.97 -16.32
CA LEU A 41 0.72 5.38 -16.26
C LEU A 41 -0.32 5.61 -15.17
N ASP A 42 -1.13 4.60 -14.90
CA ASP A 42 -2.16 4.70 -13.88
C ASP A 42 -1.57 4.44 -12.49
N THR A 43 -0.60 3.54 -12.43
CA THR A 43 0.05 3.20 -11.17
C THR A 43 0.49 4.45 -10.42
N VAL A 44 1.18 5.34 -11.12
CA VAL A 44 1.66 6.58 -10.53
C VAL A 44 0.55 7.30 -9.79
N GLU A 45 -0.68 7.15 -10.28
CA GLU A 45 -1.84 7.79 -9.66
C GLU A 45 -2.38 6.94 -8.51
N LEU A 46 -2.42 5.63 -8.72
CA LEU A 46 -2.92 4.71 -7.70
C LEU A 46 -2.04 4.75 -6.46
N MET A 47 -0.75 4.55 -6.65
CA MET A 47 0.21 4.57 -5.55
C MET A 47 0.23 5.92 -4.87
N MET A 48 0.06 6.98 -5.66
CA MET A 48 0.06 8.34 -5.14
C MET A 48 -0.92 8.47 -3.98
N ALA A 49 -2.09 7.86 -4.13
CA ALA A 49 -3.12 7.91 -3.10
C ALA A 49 -2.57 7.45 -1.74
N ILE A 50 -1.66 6.48 -1.79
CA ILE A 50 -1.05 5.95 -0.58
C ILE A 50 -0.28 7.02 0.17
N GLU A 51 0.15 8.05 -0.56
CA GLU A 51 0.90 9.15 0.03
C GLU A 51 -0.03 10.14 0.72
N VAL A 52 -1.11 10.49 0.03
CA VAL A 52 -2.09 11.44 0.57
C VAL A 52 -2.99 10.78 1.60
N GLU A 53 -2.99 9.45 1.60
CA GLU A 53 -3.81 8.68 2.54
C GLU A 53 -3.10 8.52 3.88
N TYR A 54 -1.89 7.98 3.83
CA TYR A 54 -1.10 7.76 5.04
C TYR A 54 -0.37 9.03 5.45
N GLY A 55 -0.12 9.90 4.48
CA GLY A 55 0.58 11.15 4.75
C GLY A 55 2.06 10.94 5.01
N ILE A 56 2.66 10.03 4.26
CA ILE A 56 4.09 9.73 4.41
C ILE A 56 4.84 9.99 3.11
N ASP A 57 6.15 9.76 3.15
CA ASP A 57 6.98 9.95 1.97
C ASP A 57 7.58 8.63 1.50
N ILE A 58 7.53 8.40 0.19
CA ILE A 58 8.07 7.17 -0.39
C ILE A 58 8.69 7.43 -1.76
N PRO A 59 10.01 7.64 -1.78
CA PRO A 59 10.75 7.90 -3.02
C PRO A 59 10.83 6.67 -3.92
N ASP A 60 11.18 6.89 -5.18
CA ASP A 60 11.29 5.79 -6.15
C ASP A 60 12.18 4.69 -5.60
N ASP A 61 13.18 5.07 -4.82
CA ASP A 61 14.11 4.09 -4.24
C ASP A 61 13.36 3.12 -3.33
N GLU A 62 12.35 3.63 -2.63
CA GLU A 62 11.57 2.80 -1.72
C GLU A 62 10.19 2.51 -2.31
N ALA A 63 10.02 2.82 -3.58
CA ALA A 63 8.75 2.59 -4.26
C ALA A 63 8.37 1.11 -4.22
N THR A 64 9.36 0.25 -4.03
CA THR A 64 9.13 -1.18 -3.98
C THR A 64 9.26 -1.71 -2.56
N LYS A 65 9.28 -0.79 -1.59
CA LYS A 65 9.39 -1.16 -0.19
C LYS A 65 8.04 -1.05 0.51
N ILE A 66 7.01 -0.71 -0.25
CA ILE A 66 5.67 -0.57 0.31
C ILE A 66 4.61 -1.04 -0.69
N LYS A 67 5.06 -1.74 -1.73
CA LYS A 67 4.16 -2.26 -2.75
C LYS A 67 3.34 -3.43 -2.21
N THR A 68 4.03 -4.43 -1.66
CA THR A 68 3.37 -5.60 -1.10
C THR A 68 2.80 -5.31 0.28
N VAL A 69 1.67 -5.95 0.60
CA VAL A 69 1.03 -5.76 1.88
C VAL A 69 2.00 -6.05 3.04
N SER A 70 2.98 -6.90 2.77
CA SER A 70 3.97 -7.26 3.78
C SER A 70 5.00 -6.16 3.95
N ASP A 71 5.35 -5.50 2.84
CA ASP A 71 6.33 -4.42 2.86
C ASP A 71 5.68 -3.11 3.27
N VAL A 72 4.37 -3.03 3.09
CA VAL A 72 3.62 -1.82 3.44
C VAL A 72 3.76 -1.50 4.93
N ILE A 73 3.20 -2.38 5.76
CA ILE A 73 3.26 -2.18 7.21
C ILE A 73 4.69 -2.36 7.73
N LYS A 74 5.50 -3.10 6.98
CA LYS A 74 6.88 -3.33 7.36
C LYS A 74 7.72 -2.06 7.19
N TYR A 75 7.56 -1.40 6.06
CA TYR A 75 8.30 -0.18 5.77
C TYR A 75 7.64 1.02 6.46
N ILE A 76 6.37 1.25 6.15
CA ILE A 76 5.63 2.36 6.75
C ILE A 76 5.78 2.38 8.26
N LYS A 77 6.03 1.19 8.83
CA LYS A 77 6.19 1.07 10.28
C LYS A 77 7.19 2.10 10.81
N GLU A 78 8.43 2.02 10.34
CA GLU A 78 9.47 2.94 10.77
C GLU A 78 9.30 4.30 10.09
N ARG A 79 8.50 4.33 9.02
CA ARG A 79 8.26 5.56 8.28
C ARG A 79 7.35 6.50 9.07
N GLN A 80 6.38 5.93 9.77
CA GLN A 80 5.45 6.71 10.57
C GLN A 80 6.17 7.47 11.67
N SER A 81 5.82 8.74 11.83
CA SER A 81 6.44 9.58 12.85
C SER A 81 5.80 9.34 14.21
N MET A 1 1.87 3.95 23.61
CA MET A 1 1.97 2.50 23.78
C MET A 1 1.38 1.77 22.58
N SER A 2 0.29 2.33 22.04
CA SER A 2 -0.36 1.73 20.89
C SER A 2 -0.11 2.55 19.63
N THR A 3 1.06 2.36 19.02
CA THR A 3 1.42 3.08 17.81
C THR A 3 1.61 2.12 16.64
N THR A 4 1.06 2.50 15.49
CA THR A 4 1.17 1.67 14.29
C THR A 4 0.60 0.29 14.52
N ASP A 5 -0.61 0.24 15.08
CA ASP A 5 -1.28 -1.03 15.36
C ASP A 5 -2.57 -1.15 14.57
N LYS A 6 -3.25 -0.02 14.39
CA LYS A 6 -4.51 0.00 13.65
C LYS A 6 -4.25 0.01 12.15
N ILE A 7 -3.02 0.30 11.76
CA ILE A 7 -2.65 0.33 10.35
C ILE A 7 -2.60 -1.07 9.76
N GLU A 8 -2.28 -2.06 10.59
CA GLU A 8 -2.20 -3.44 10.15
C GLU A 8 -3.59 -3.96 9.75
N GLN A 9 -4.60 -3.57 10.51
CA GLN A 9 -5.97 -4.00 10.24
C GLN A 9 -6.66 -3.04 9.29
N LYS A 10 -6.13 -1.83 9.19
CA LYS A 10 -6.70 -0.80 8.31
C LYS A 10 -6.12 -0.92 6.91
N VAL A 11 -4.95 -1.54 6.80
CA VAL A 11 -4.28 -1.71 5.51
C VAL A 11 -5.22 -2.39 4.51
N ILE A 12 -6.11 -3.23 5.01
CA ILE A 12 -7.06 -3.94 4.16
C ILE A 12 -7.87 -2.96 3.31
N GLU A 13 -8.27 -1.85 3.92
CA GLU A 13 -9.05 -0.84 3.22
C GLU A 13 -8.16 0.01 2.31
N MET A 14 -6.87 0.07 2.64
CA MET A 14 -5.91 0.84 1.87
C MET A 14 -5.63 0.17 0.53
N VAL A 15 -5.08 -1.05 0.59
CA VAL A 15 -4.76 -1.80 -0.62
C VAL A 15 -5.99 -2.00 -1.49
N ALA A 16 -7.16 -1.94 -0.87
CA ALA A 16 -8.42 -2.11 -1.58
C ALA A 16 -8.77 -0.86 -2.37
N GLU A 17 -8.23 0.28 -1.94
CA GLU A 17 -8.49 1.55 -2.60
C GLU A 17 -7.30 1.98 -3.45
N LYS A 18 -6.15 1.38 -3.18
CA LYS A 18 -4.93 1.70 -3.91
C LYS A 18 -5.01 1.20 -5.35
N LEU A 19 -5.23 -0.09 -5.51
CA LEU A 19 -5.34 -0.70 -6.83
C LEU A 19 -6.73 -1.27 -7.06
N ASN A 20 -7.69 -0.77 -6.29
CA ASN A 20 -9.07 -1.23 -6.42
C ASN A 20 -9.17 -2.75 -6.27
N LYS A 21 -8.80 -3.24 -5.10
CA LYS A 21 -8.83 -4.67 -4.82
C LYS A 21 -9.93 -5.00 -3.82
N ASP A 22 -10.87 -5.85 -4.23
CA ASP A 22 -11.97 -6.25 -3.36
C ASP A 22 -11.45 -6.86 -2.06
N LYS A 23 -12.26 -6.80 -1.02
CA LYS A 23 -11.89 -7.34 0.28
C LYS A 23 -11.51 -8.82 0.17
N ALA A 24 -12.17 -9.52 -0.75
CA ALA A 24 -11.90 -10.94 -0.96
C ALA A 24 -10.55 -11.14 -1.65
N ILE A 25 -10.05 -10.09 -2.28
CA ILE A 25 -8.77 -10.14 -2.98
C ILE A 25 -7.63 -9.71 -2.07
N ILE A 26 -7.95 -8.87 -1.09
CA ILE A 26 -6.94 -8.38 -0.15
C ILE A 26 -6.14 -9.53 0.46
N THR A 27 -4.85 -9.56 0.18
CA THR A 27 -3.98 -10.60 0.70
C THR A 27 -2.54 -10.11 0.83
N THR A 28 -1.76 -10.78 1.67
CA THR A 28 -0.37 -10.41 1.89
C THR A 28 0.48 -10.75 0.68
N ASP A 29 -0.10 -11.52 -0.25
CA ASP A 29 0.62 -11.91 -1.46
C ASP A 29 -0.07 -11.35 -2.70
N SER A 30 -0.83 -10.27 -2.51
CA SER A 30 -1.55 -9.65 -3.62
C SER A 30 -0.59 -9.23 -4.72
N ARG A 31 -0.90 -9.62 -5.95
CA ARG A 31 -0.06 -9.29 -7.10
C ARG A 31 -0.84 -8.48 -8.12
N PHE A 32 -1.55 -7.46 -7.66
CA PHE A 32 -2.34 -6.62 -8.55
C PHE A 32 -1.51 -6.14 -9.73
N ILE A 33 -0.22 -5.93 -9.50
CA ILE A 33 0.68 -5.48 -10.55
C ILE A 33 0.64 -6.42 -11.75
N GLU A 34 0.66 -7.72 -11.48
CA GLU A 34 0.63 -8.72 -12.54
C GLU A 34 -0.81 -9.12 -12.86
N ASP A 35 -1.52 -9.60 -11.84
CA ASP A 35 -2.91 -10.02 -12.01
C ASP A 35 -3.74 -8.91 -12.66
N LEU A 36 -3.73 -7.74 -12.04
CA LEU A 36 -4.48 -6.60 -12.55
C LEU A 36 -3.70 -5.87 -13.63
N LYS A 37 -2.48 -6.34 -13.89
CA LYS A 37 -1.63 -5.73 -14.91
C LYS A 37 -1.53 -4.22 -14.70
N ALA A 38 -1.19 -3.82 -13.48
CA ALA A 38 -1.05 -2.41 -13.15
C ALA A 38 0.06 -1.75 -13.97
N ASP A 39 -0.33 -0.90 -14.91
CA ASP A 39 0.64 -0.22 -15.77
C ASP A 39 1.50 0.73 -14.94
N SER A 40 2.66 1.11 -15.49
CA SER A 40 3.57 2.02 -14.81
C SER A 40 2.95 3.41 -14.66
N LEU A 41 2.55 3.99 -15.79
CA LEU A 41 1.94 5.31 -15.79
C LEU A 41 0.69 5.34 -14.90
N ASP A 42 0.06 4.19 -14.75
CA ASP A 42 -1.15 4.08 -13.94
C ASP A 42 -0.78 3.97 -12.46
N THR A 43 0.15 3.08 -12.15
CA THR A 43 0.59 2.88 -10.77
C THR A 43 1.08 4.19 -10.15
N VAL A 44 1.54 5.10 -11.01
CA VAL A 44 2.04 6.39 -10.54
C VAL A 44 0.95 7.17 -9.79
N GLU A 45 -0.23 7.24 -10.39
CA GLU A 45 -1.35 7.96 -9.79
C GLU A 45 -2.07 7.06 -8.77
N LEU A 46 -2.12 5.78 -9.07
CA LEU A 46 -2.79 4.82 -8.19
C LEU A 46 -2.08 4.72 -6.85
N MET A 47 -0.79 4.40 -6.89
CA MET A 47 0.01 4.29 -5.68
C MET A 47 0.10 5.63 -4.96
N MET A 48 0.08 6.71 -5.73
CA MET A 48 0.16 8.05 -5.17
C MET A 48 -0.88 8.24 -4.06
N ALA A 49 -2.05 7.65 -4.25
CA ALA A 49 -3.13 7.76 -3.28
C ALA A 49 -2.67 7.31 -1.90
N ILE A 50 -1.71 6.38 -1.87
CA ILE A 50 -1.18 5.86 -0.62
C ILE A 50 -0.46 6.96 0.16
N GLU A 51 -0.01 7.98 -0.55
CA GLU A 51 0.71 9.09 0.07
C GLU A 51 -0.28 10.11 0.67
N VAL A 52 -1.30 10.45 -0.11
CA VAL A 52 -2.32 11.40 0.34
C VAL A 52 -3.28 10.75 1.33
N GLU A 53 -3.32 9.42 1.32
CA GLU A 53 -4.20 8.69 2.22
C GLU A 53 -3.59 8.57 3.61
N TYR A 54 -2.37 8.04 3.68
CA TYR A 54 -1.68 7.88 4.95
C TYR A 54 -1.04 9.18 5.40
N GLY A 55 -0.74 10.05 4.43
CA GLY A 55 -0.12 11.33 4.75
C GLY A 55 1.39 11.26 4.78
N ILE A 56 1.95 10.32 4.01
CA ILE A 56 3.39 10.14 3.95
C ILE A 56 3.90 10.20 2.52
N ASP A 57 5.20 10.02 2.35
CA ASP A 57 5.81 10.06 1.02
C ASP A 57 6.48 8.72 0.70
N ILE A 58 6.28 8.25 -0.53
CA ILE A 58 6.87 6.99 -0.97
C ILE A 58 7.31 7.06 -2.42
N PRO A 59 8.61 7.35 -2.63
CA PRO A 59 9.19 7.45 -3.96
C PRO A 59 9.28 6.10 -4.67
N ASP A 60 9.47 6.13 -5.98
CA ASP A 60 9.58 4.91 -6.76
C ASP A 60 10.59 3.94 -6.13
N ASP A 61 11.68 4.49 -5.61
CA ASP A 61 12.71 3.68 -4.99
C ASP A 61 12.13 2.82 -3.86
N GLU A 62 11.18 3.39 -3.12
CA GLU A 62 10.55 2.68 -2.02
C GLU A 62 9.13 2.26 -2.39
N ALA A 63 8.81 2.36 -3.68
CA ALA A 63 7.48 1.98 -4.16
C ALA A 63 7.26 0.48 -4.06
N THR A 64 8.34 -0.25 -3.80
CA THR A 64 8.27 -1.70 -3.68
C THR A 64 8.39 -2.14 -2.22
N LYS A 65 8.70 -1.18 -1.34
CA LYS A 65 8.85 -1.46 0.08
C LYS A 65 7.52 -1.35 0.80
N ILE A 66 6.45 -1.15 0.03
CA ILE A 66 5.11 -1.03 0.59
C ILE A 66 4.06 -1.66 -0.31
N LYS A 67 4.53 -2.46 -1.28
CA LYS A 67 3.63 -3.12 -2.22
C LYS A 67 2.86 -4.24 -1.52
N THR A 68 3.58 -5.10 -0.82
CA THR A 68 2.95 -6.21 -0.11
C THR A 68 2.43 -5.78 1.25
N VAL A 69 1.33 -6.38 1.68
CA VAL A 69 0.72 -6.04 2.97
C VAL A 69 1.73 -6.15 4.10
N SER A 70 2.70 -7.06 3.93
CA SER A 70 3.74 -7.26 4.93
C SER A 70 4.79 -6.16 4.86
N ASP A 71 5.02 -5.65 3.66
CA ASP A 71 6.01 -4.59 3.47
C ASP A 71 5.40 -3.22 3.77
N VAL A 72 4.08 -3.13 3.66
CA VAL A 72 3.38 -1.88 3.93
C VAL A 72 3.59 -1.42 5.36
N ILE A 73 3.08 -2.19 6.31
CA ILE A 73 3.22 -1.86 7.73
C ILE A 73 4.67 -1.95 8.17
N LYS A 74 5.46 -2.76 7.45
CA LYS A 74 6.87 -2.93 7.76
C LYS A 74 7.66 -1.66 7.45
N TYR A 75 7.48 -1.14 6.24
CA TYR A 75 8.18 0.07 5.83
C TYR A 75 7.50 1.32 6.39
N ILE A 76 6.21 1.46 6.14
CA ILE A 76 5.45 2.59 6.63
C ILE A 76 5.68 2.80 8.13
N LYS A 77 5.99 1.72 8.83
CA LYS A 77 6.23 1.79 10.27
C LYS A 77 7.28 2.83 10.59
N GLU A 78 8.52 2.58 10.15
CA GLU A 78 9.62 3.50 10.40
C GLU A 78 9.43 4.80 9.61
N ARG A 79 8.60 4.74 8.57
CA ARG A 79 8.32 5.90 7.75
C ARG A 79 7.44 6.91 8.48
N GLN A 80 6.55 6.40 9.32
CA GLN A 80 5.65 7.25 10.08
C GLN A 80 6.43 8.15 11.04
N SER A 81 6.14 9.45 10.98
CA SER A 81 6.82 10.42 11.83
C SER A 81 6.44 10.22 13.30
N MET A 1 -3.68 7.26 22.56
CA MET A 1 -2.74 7.41 21.47
C MET A 1 -2.73 6.16 20.58
N SER A 2 -1.86 6.17 19.57
CA SER A 2 -1.76 5.04 18.65
C SER A 2 -0.34 4.49 18.63
N THR A 3 -0.22 3.19 18.40
CA THR A 3 1.08 2.53 18.35
C THR A 3 1.29 1.80 17.03
N THR A 4 0.68 2.32 15.97
CA THR A 4 0.80 1.72 14.65
C THR A 4 0.26 0.29 14.65
N ASP A 5 -0.84 0.07 15.36
CA ASP A 5 -1.45 -1.25 15.44
C ASP A 5 -2.63 -1.36 14.50
N LYS A 6 -3.44 -0.31 14.43
CA LYS A 6 -4.60 -0.29 13.56
C LYS A 6 -4.19 -0.42 12.09
N ILE A 7 -3.03 0.14 11.76
CA ILE A 7 -2.52 0.08 10.39
C ILE A 7 -2.39 -1.36 9.91
N GLU A 8 -2.07 -2.26 10.84
CA GLU A 8 -1.91 -3.67 10.51
C GLU A 8 -3.15 -4.21 9.81
N GLN A 9 -4.31 -3.95 10.41
CA GLN A 9 -5.57 -4.42 9.85
C GLN A 9 -6.11 -3.42 8.83
N LYS A 10 -5.64 -2.18 8.91
CA LYS A 10 -6.08 -1.13 7.99
C LYS A 10 -5.40 -1.30 6.63
N VAL A 11 -4.49 -2.25 6.53
CA VAL A 11 -3.78 -2.50 5.29
C VAL A 11 -4.72 -3.02 4.21
N ILE A 12 -5.75 -3.75 4.63
CA ILE A 12 -6.72 -4.30 3.69
C ILE A 12 -7.56 -3.20 3.06
N GLU A 13 -7.88 -2.17 3.85
CA GLU A 13 -8.68 -1.06 3.36
C GLU A 13 -7.85 -0.15 2.46
N MET A 14 -6.53 -0.22 2.61
CA MET A 14 -5.63 0.59 1.81
C MET A 14 -5.41 -0.04 0.43
N VAL A 15 -4.83 -1.23 0.42
CA VAL A 15 -4.58 -1.94 -0.83
C VAL A 15 -5.86 -2.11 -1.64
N ALA A 16 -6.99 -2.09 -0.96
CA ALA A 16 -8.28 -2.24 -1.61
C ALA A 16 -8.64 -0.99 -2.41
N GLU A 17 -8.06 0.14 -2.03
CA GLU A 17 -8.32 1.40 -2.71
C GLU A 17 -7.14 1.79 -3.58
N LYS A 18 -5.94 1.37 -3.19
CA LYS A 18 -4.74 1.67 -3.95
C LYS A 18 -4.87 1.22 -5.40
N LEU A 19 -5.13 -0.06 -5.59
CA LEU A 19 -5.28 -0.63 -6.93
C LEU A 19 -6.70 -1.14 -7.14
N ASN A 20 -7.63 -0.65 -6.33
CA ASN A 20 -9.03 -1.05 -6.44
C ASN A 20 -9.16 -2.58 -6.40
N LYS A 21 -8.79 -3.16 -5.26
CA LYS A 21 -8.86 -4.61 -5.08
C LYS A 21 -9.93 -4.98 -4.07
N ASP A 22 -10.85 -5.85 -4.47
CA ASP A 22 -11.93 -6.28 -3.59
C ASP A 22 -11.38 -6.89 -2.31
N LYS A 23 -12.10 -6.72 -1.21
CA LYS A 23 -11.68 -7.24 0.08
C LYS A 23 -11.50 -8.75 0.02
N ALA A 24 -12.20 -9.39 -0.92
CA ALA A 24 -12.12 -10.84 -1.08
C ALA A 24 -10.91 -11.23 -1.91
N ILE A 25 -10.14 -10.23 -2.34
CA ILE A 25 -8.95 -10.48 -3.14
C ILE A 25 -7.69 -10.01 -2.42
N ILE A 26 -7.86 -9.10 -1.46
CA ILE A 26 -6.74 -8.58 -0.68
C ILE A 26 -5.89 -9.71 -0.12
N THR A 27 -4.61 -9.71 -0.48
CA THR A 27 -3.68 -10.74 -0.01
C THR A 27 -2.27 -10.18 0.13
N THR A 28 -1.54 -10.67 1.12
CA THR A 28 -0.17 -10.22 1.36
C THR A 28 0.67 -10.35 0.10
N ASP A 29 0.42 -11.40 -0.68
CA ASP A 29 1.16 -11.63 -1.91
C ASP A 29 0.36 -11.16 -3.12
N SER A 30 -0.53 -10.20 -2.90
CA SER A 30 -1.36 -9.66 -3.97
C SER A 30 -0.51 -9.15 -5.13
N ARG A 31 -0.77 -9.66 -6.33
CA ARG A 31 -0.02 -9.26 -7.51
C ARG A 31 -0.90 -8.45 -8.46
N PHE A 32 -1.59 -7.45 -7.91
CA PHE A 32 -2.47 -6.60 -8.71
C PHE A 32 -1.74 -6.07 -9.94
N ILE A 33 -0.44 -5.84 -9.80
CA ILE A 33 0.37 -5.34 -10.90
C ILE A 33 0.26 -6.24 -12.12
N GLU A 34 0.33 -7.55 -11.89
CA GLU A 34 0.23 -8.52 -12.97
C GLU A 34 -1.22 -8.95 -13.20
N ASP A 35 -1.83 -9.47 -12.15
CA ASP A 35 -3.22 -9.94 -12.22
C ASP A 35 -4.13 -8.83 -12.77
N LEU A 36 -4.10 -7.67 -12.12
CA LEU A 36 -4.92 -6.54 -12.55
C LEU A 36 -4.24 -5.78 -13.69
N LYS A 37 -3.02 -6.18 -14.02
CA LYS A 37 -2.27 -5.55 -15.10
C LYS A 37 -2.24 -4.04 -14.91
N ALA A 38 -1.64 -3.59 -13.82
CA ALA A 38 -1.53 -2.16 -13.52
C ALA A 38 -0.57 -1.48 -14.49
N ASP A 39 -1.12 -0.66 -15.38
CA ASP A 39 -0.30 0.07 -16.36
C ASP A 39 0.83 0.82 -15.66
N SER A 40 1.77 1.33 -16.46
CA SER A 40 2.91 2.06 -15.94
C SER A 40 2.50 3.46 -15.50
N LEU A 41 1.62 4.08 -16.27
CA LEU A 41 1.15 5.43 -15.98
C LEU A 41 0.05 5.40 -14.93
N ASP A 42 -0.44 4.20 -14.63
CA ASP A 42 -1.51 4.04 -13.64
C ASP A 42 -0.94 4.06 -12.22
N THR A 43 0.15 3.30 -12.02
CA THR A 43 0.79 3.23 -10.71
C THR A 43 1.12 4.62 -10.19
N VAL A 44 1.35 5.55 -11.11
CA VAL A 44 1.67 6.93 -10.74
C VAL A 44 0.65 7.49 -9.76
N GLU A 45 -0.60 7.52 -10.17
CA GLU A 45 -1.68 8.03 -9.33
C GLU A 45 -2.14 6.98 -8.33
N LEU A 46 -2.26 5.74 -8.80
CA LEU A 46 -2.71 4.65 -7.95
C LEU A 46 -1.87 4.57 -6.68
N MET A 47 -0.56 4.43 -6.85
CA MET A 47 0.35 4.34 -5.72
C MET A 47 0.37 5.67 -4.94
N MET A 48 0.24 6.77 -5.66
CA MET A 48 0.24 8.09 -5.05
C MET A 48 -0.83 8.19 -3.96
N ALA A 49 -1.93 7.48 -4.17
CA ALA A 49 -3.03 7.47 -3.21
C ALA A 49 -2.56 6.98 -1.84
N ILE A 50 -1.44 6.28 -1.82
CA ILE A 50 -0.89 5.74 -0.59
C ILE A 50 -0.17 6.83 0.21
N GLU A 51 0.28 7.86 -0.48
CA GLU A 51 0.98 8.97 0.16
C GLU A 51 -0.01 9.98 0.75
N VAL A 52 -1.09 10.23 0.01
CA VAL A 52 -2.10 11.18 0.46
C VAL A 52 -2.97 10.57 1.55
N GLU A 53 -3.00 9.24 1.62
CA GLU A 53 -3.79 8.53 2.61
C GLU A 53 -3.02 8.41 3.92
N TYR A 54 -1.82 7.84 3.85
CA TYR A 54 -0.98 7.65 5.03
C TYR A 54 -0.33 8.97 5.45
N GLY A 55 -0.18 9.87 4.48
CA GLY A 55 0.44 11.16 4.77
C GLY A 55 1.92 11.05 5.04
N ILE A 56 2.59 10.19 4.29
CA ILE A 56 4.02 9.98 4.45
C ILE A 56 4.75 10.11 3.11
N ASP A 57 6.04 10.44 3.17
CA ASP A 57 6.85 10.58 1.97
C ASP A 57 7.40 9.24 1.52
N ILE A 58 7.01 8.82 0.31
CA ILE A 58 7.46 7.55 -0.24
C ILE A 58 7.81 7.68 -1.72
N PRO A 59 9.11 7.91 -2.01
CA PRO A 59 9.59 8.06 -3.38
C PRO A 59 9.54 6.75 -4.16
N ASP A 60 9.65 6.85 -5.48
CA ASP A 60 9.62 5.67 -6.34
C ASP A 60 10.60 4.61 -5.84
N ASP A 61 11.76 5.06 -5.38
CA ASP A 61 12.78 4.16 -4.88
C ASP A 61 12.23 3.26 -3.78
N GLU A 62 11.35 3.82 -2.96
CA GLU A 62 10.74 3.08 -1.86
C GLU A 62 9.29 2.73 -2.18
N ALA A 63 8.91 2.92 -3.43
CA ALA A 63 7.55 2.62 -3.87
C ALA A 63 7.29 1.11 -3.86
N THR A 64 8.35 0.33 -3.70
CA THR A 64 8.23 -1.13 -3.67
C THR A 64 8.38 -1.67 -2.26
N LYS A 65 8.78 -0.79 -1.33
CA LYS A 65 8.95 -1.17 0.06
C LYS A 65 7.63 -1.09 0.82
N ILE A 66 6.55 -0.78 0.10
CA ILE A 66 5.25 -0.66 0.71
C ILE A 66 4.15 -1.17 -0.23
N LYS A 67 4.57 -1.89 -1.26
CA LYS A 67 3.63 -2.45 -2.24
C LYS A 67 2.85 -3.61 -1.64
N THR A 68 3.57 -4.50 -0.96
CA THR A 68 2.94 -5.66 -0.34
C THR A 68 2.38 -5.31 1.05
N VAL A 69 1.49 -6.16 1.55
CA VAL A 69 0.89 -5.94 2.86
C VAL A 69 1.92 -6.07 3.97
N SER A 70 2.93 -6.91 3.75
CA SER A 70 3.99 -7.12 4.73
C SER A 70 5.05 -6.02 4.63
N ASP A 71 5.20 -5.47 3.44
CA ASP A 71 6.19 -4.41 3.21
C ASP A 71 5.62 -3.05 3.60
N VAL A 72 4.33 -2.85 3.36
CA VAL A 72 3.67 -1.60 3.69
C VAL A 72 3.62 -1.39 5.20
N ILE A 73 3.38 -2.47 5.93
CA ILE A 73 3.31 -2.41 7.39
C ILE A 73 4.70 -2.44 8.01
N LYS A 74 5.65 -3.04 7.29
CA LYS A 74 7.02 -3.15 7.77
C LYS A 74 7.79 -1.86 7.51
N TYR A 75 7.48 -1.21 6.39
CA TYR A 75 8.14 0.04 6.02
C TYR A 75 7.50 1.23 6.73
N ILE A 76 6.22 1.47 6.44
CA ILE A 76 5.49 2.57 7.05
C ILE A 76 5.70 2.59 8.56
N LYS A 77 5.85 1.42 9.15
CA LYS A 77 6.06 1.30 10.59
C LYS A 77 7.31 2.05 11.02
N GLU A 78 8.41 1.82 10.30
CA GLU A 78 9.67 2.47 10.61
C GLU A 78 9.70 3.90 10.07
N ARG A 79 8.87 4.15 9.05
CA ARG A 79 8.80 5.47 8.44
C ARG A 79 8.09 6.46 9.35
N GLN A 80 6.96 6.04 9.90
CA GLN A 80 6.19 6.89 10.79
C GLN A 80 7.06 7.44 11.93
N SER A 81 6.60 8.51 12.55
CA SER A 81 7.34 9.13 13.65
C SER A 81 6.40 9.87 14.59
N MET A 1 -5.78 5.45 19.08
CA MET A 1 -5.24 6.49 18.21
C MET A 1 -3.76 6.74 18.51
N SER A 2 -3.07 7.40 17.59
CA SER A 2 -1.66 7.69 17.76
C SER A 2 -0.85 6.41 17.90
N THR A 3 -1.31 5.35 17.26
CA THR A 3 -0.63 4.05 17.32
C THR A 3 -0.28 3.56 15.92
N THR A 4 0.56 2.53 15.86
CA THR A 4 0.98 1.95 14.58
C THR A 4 0.44 0.53 14.42
N ASP A 5 0.19 -0.13 15.54
CA ASP A 5 -0.32 -1.50 15.52
C ASP A 5 -1.58 -1.59 14.68
N LYS A 6 -2.46 -0.61 14.83
CA LYS A 6 -3.71 -0.59 14.07
C LYS A 6 -3.44 -0.63 12.57
N ILE A 7 -2.32 -0.04 12.16
CA ILE A 7 -1.95 -0.01 10.75
C ILE A 7 -1.78 -1.42 10.19
N GLU A 8 -1.34 -2.33 11.05
CA GLU A 8 -1.13 -3.72 10.64
C GLU A 8 -2.42 -4.32 10.08
N GLN A 9 -3.50 -4.21 10.85
CA GLN A 9 -4.79 -4.74 10.43
C GLN A 9 -5.49 -3.78 9.46
N LYS A 10 -5.09 -2.51 9.52
CA LYS A 10 -5.67 -1.49 8.65
C LYS A 10 -5.12 -1.62 7.22
N VAL A 11 -4.16 -2.51 7.04
CA VAL A 11 -3.55 -2.73 5.74
C VAL A 11 -4.58 -3.28 4.74
N ILE A 12 -5.55 -4.01 5.25
CA ILE A 12 -6.59 -4.60 4.41
C ILE A 12 -7.44 -3.52 3.76
N GLU A 13 -7.73 -2.46 4.52
CA GLU A 13 -8.54 -1.35 4.01
C GLU A 13 -7.70 -0.44 3.11
N MET A 14 -6.39 -0.45 3.33
CA MET A 14 -5.48 0.38 2.55
C MET A 14 -5.34 -0.18 1.13
N VAL A 15 -4.82 -1.39 1.03
CA VAL A 15 -4.61 -2.04 -0.27
C VAL A 15 -5.93 -2.11 -1.04
N ALA A 16 -7.04 -2.09 -0.32
CA ALA A 16 -8.36 -2.15 -0.95
C ALA A 16 -8.69 -0.84 -1.64
N GLU A 17 -8.06 0.25 -1.19
CA GLU A 17 -8.31 1.56 -1.77
C GLU A 17 -7.17 1.96 -2.70
N LYS A 18 -5.96 1.52 -2.37
CA LYS A 18 -4.78 1.83 -3.18
C LYS A 18 -5.00 1.44 -4.64
N LEU A 19 -5.37 0.18 -4.86
CA LEU A 19 -5.62 -0.31 -6.21
C LEU A 19 -7.08 -0.71 -6.39
N ASN A 20 -7.94 -0.17 -5.53
CA ASN A 20 -9.36 -0.48 -5.59
C ASN A 20 -9.61 -1.98 -5.60
N LYS A 21 -8.85 -2.70 -4.77
CA LYS A 21 -8.99 -4.15 -4.69
C LYS A 21 -10.10 -4.54 -3.72
N ASP A 22 -11.04 -5.35 -4.20
CA ASP A 22 -12.16 -5.79 -3.37
C ASP A 22 -11.66 -6.52 -2.12
N LYS A 23 -12.43 -6.44 -1.05
CA LYS A 23 -12.06 -7.09 0.20
C LYS A 23 -11.90 -8.60 0.02
N ALA A 24 -12.60 -9.13 -1.00
CA ALA A 24 -12.53 -10.56 -1.29
C ALA A 24 -11.30 -10.90 -2.10
N ILE A 25 -10.49 -9.88 -2.41
CA ILE A 25 -9.27 -10.07 -3.18
C ILE A 25 -8.03 -9.72 -2.37
N ILE A 26 -8.23 -8.91 -1.33
CA ILE A 26 -7.13 -8.48 -0.48
C ILE A 26 -6.31 -9.67 -0.01
N THR A 27 -5.05 -9.72 -0.40
CA THR A 27 -4.16 -10.81 -0.03
C THR A 27 -2.75 -10.31 0.26
N THR A 28 -1.98 -11.10 0.99
CA THR A 28 -0.62 -10.73 1.34
C THR A 28 0.26 -10.65 0.09
N ASP A 29 0.04 -11.57 -0.84
CA ASP A 29 0.81 -11.60 -2.08
C ASP A 29 0.02 -11.00 -3.23
N SER A 30 -0.87 -10.06 -2.90
CA SER A 30 -1.71 -9.42 -3.92
C SER A 30 -0.85 -8.88 -5.06
N ARG A 31 -0.99 -9.48 -6.23
CA ARG A 31 -0.24 -9.07 -7.40
C ARG A 31 -1.13 -8.31 -8.39
N PHE A 32 -1.86 -7.32 -7.87
CA PHE A 32 -2.74 -6.52 -8.70
C PHE A 32 -2.02 -6.00 -9.94
N ILE A 33 -0.73 -5.73 -9.79
CA ILE A 33 0.08 -5.23 -10.89
C ILE A 33 0.01 -6.17 -12.10
N GLU A 34 0.10 -7.47 -11.83
CA GLU A 34 0.04 -8.46 -12.89
C GLU A 34 -1.40 -8.93 -13.12
N ASP A 35 -2.02 -9.44 -12.06
CA ASP A 35 -3.40 -9.93 -12.15
C ASP A 35 -4.31 -8.85 -12.74
N LEU A 36 -4.32 -7.68 -12.13
CA LEU A 36 -5.15 -6.57 -12.61
C LEU A 36 -4.49 -5.86 -13.77
N LYS A 37 -3.24 -6.23 -14.05
CA LYS A 37 -2.50 -5.62 -15.15
C LYS A 37 -2.53 -4.10 -15.05
N ALA A 38 -2.14 -3.57 -13.90
CA ALA A 38 -2.12 -2.13 -13.68
C ALA A 38 -1.11 -1.45 -14.60
N ASP A 39 -1.54 -0.37 -15.26
CA ASP A 39 -0.68 0.36 -16.16
C ASP A 39 0.59 0.83 -15.45
N SER A 40 1.49 1.45 -16.21
CA SER A 40 2.74 1.94 -15.65
C SER A 40 2.58 3.35 -15.09
N LEU A 41 1.83 4.18 -15.81
CA LEU A 41 1.60 5.56 -15.37
C LEU A 41 0.49 5.62 -14.34
N ASP A 42 -0.24 4.52 -14.19
CA ASP A 42 -1.34 4.45 -13.23
C ASP A 42 -0.81 4.14 -11.83
N THR A 43 0.15 3.22 -11.75
CA THR A 43 0.73 2.83 -10.47
C THR A 43 1.14 4.05 -9.67
N VAL A 44 1.95 4.91 -10.28
CA VAL A 44 2.43 6.12 -9.62
C VAL A 44 1.27 6.91 -9.00
N GLU A 45 0.10 6.81 -9.63
CA GLU A 45 -1.08 7.51 -9.14
C GLU A 45 -1.79 6.69 -8.06
N LEU A 46 -1.82 5.38 -8.26
CA LEU A 46 -2.47 4.48 -7.30
C LEU A 46 -1.71 4.46 -5.98
N MET A 47 -0.43 4.10 -6.05
CA MET A 47 0.40 4.04 -4.85
C MET A 47 0.46 5.40 -4.17
N MET A 48 0.38 6.47 -4.95
CA MET A 48 0.43 7.82 -4.41
C MET A 48 -0.63 8.01 -3.32
N ALA A 49 -1.78 7.38 -3.51
CA ALA A 49 -2.87 7.49 -2.54
C ALA A 49 -2.42 7.00 -1.17
N ILE A 50 -1.38 6.18 -1.15
CA ILE A 50 -0.85 5.63 0.10
C ILE A 50 -0.13 6.72 0.90
N GLU A 51 0.33 7.75 0.19
CA GLU A 51 1.05 8.85 0.84
C GLU A 51 0.07 9.87 1.43
N VAL A 52 -0.95 10.22 0.65
CA VAL A 52 -1.96 11.17 1.10
C VAL A 52 -2.89 10.55 2.12
N GLU A 53 -2.91 9.23 2.17
CA GLU A 53 -3.76 8.51 3.11
C GLU A 53 -3.08 8.38 4.47
N TYR A 54 -1.87 7.83 4.48
CA TYR A 54 -1.13 7.66 5.72
C TYR A 54 -0.51 8.98 6.18
N GLY A 55 -0.28 9.88 5.22
CA GLY A 55 0.30 11.16 5.55
C GLY A 55 1.81 11.13 5.53
N ILE A 56 2.37 10.19 4.77
CA ILE A 56 3.83 10.06 4.68
C ILE A 56 4.30 10.21 3.23
N ASP A 57 5.60 10.06 3.02
CA ASP A 57 6.17 10.19 1.69
C ASP A 57 6.83 8.87 1.26
N ILE A 58 6.66 8.53 -0.02
CA ILE A 58 7.25 7.30 -0.54
C ILE A 58 7.67 7.48 -1.99
N PRO A 59 8.96 7.79 -2.19
CA PRO A 59 9.53 7.99 -3.53
C PRO A 59 9.63 6.69 -4.33
N ASP A 60 9.81 6.82 -5.63
CA ASP A 60 9.92 5.66 -6.50
C ASP A 60 10.97 4.68 -5.98
N ASP A 61 12.03 5.23 -5.41
CA ASP A 61 13.11 4.40 -4.86
C ASP A 61 12.58 3.45 -3.79
N GLU A 62 11.58 3.91 -3.05
CA GLU A 62 10.99 3.10 -1.99
C GLU A 62 9.63 2.55 -2.42
N ALA A 63 9.32 2.68 -3.70
CA ALA A 63 8.05 2.20 -4.24
C ALA A 63 8.02 0.68 -4.29
N THR A 64 9.17 0.06 -4.08
CA THR A 64 9.28 -1.40 -4.10
C THR A 64 9.46 -1.96 -2.70
N LYS A 65 9.17 -1.14 -1.69
CA LYS A 65 9.29 -1.55 -0.30
C LYS A 65 7.95 -1.46 0.42
N ILE A 66 6.89 -1.20 -0.35
CA ILE A 66 5.55 -1.09 0.21
C ILE A 66 4.51 -1.68 -0.73
N LYS A 67 4.97 -2.43 -1.73
CA LYS A 67 4.08 -3.05 -2.70
C LYS A 67 3.30 -4.20 -2.07
N THR A 68 4.02 -5.10 -1.41
CA THR A 68 3.40 -6.25 -0.75
C THR A 68 2.85 -5.87 0.62
N VAL A 69 1.74 -6.50 0.98
CA VAL A 69 1.10 -6.23 2.27
C VAL A 69 2.10 -6.40 3.42
N SER A 70 3.10 -7.25 3.21
CA SER A 70 4.11 -7.50 4.23
C SER A 70 5.15 -6.38 4.25
N ASP A 71 5.42 -5.81 3.09
CA ASP A 71 6.39 -4.73 2.96
C ASP A 71 5.76 -3.39 3.31
N VAL A 72 4.44 -3.32 3.19
CA VAL A 72 3.71 -2.09 3.48
C VAL A 72 3.89 -1.68 4.94
N ILE A 73 3.36 -2.50 5.85
CA ILE A 73 3.46 -2.22 7.27
C ILE A 73 4.90 -2.32 7.75
N LYS A 74 5.71 -3.09 7.02
CA LYS A 74 7.11 -3.27 7.37
C LYS A 74 7.91 -1.99 7.11
N TYR A 75 7.79 -1.47 5.90
CA TYR A 75 8.50 -0.25 5.52
C TYR A 75 7.84 0.98 6.13
N ILE A 76 6.55 1.14 5.86
CA ILE A 76 5.79 2.27 6.39
C ILE A 76 6.02 2.44 7.88
N LYS A 77 6.29 1.32 8.57
CA LYS A 77 6.53 1.35 10.00
C LYS A 77 7.71 2.26 10.34
N GLU A 78 8.90 1.88 9.88
CA GLU A 78 10.10 2.66 10.13
C GLU A 78 9.98 4.05 9.51
N ARG A 79 9.14 4.17 8.50
CA ARG A 79 8.94 5.45 7.82
C ARG A 79 8.14 6.41 8.69
N GLN A 80 7.09 5.89 9.31
CA GLN A 80 6.23 6.70 10.18
C GLN A 80 7.04 7.34 11.30
N SER A 81 6.81 8.62 11.53
CA SER A 81 7.53 9.36 12.58
C SER A 81 6.77 9.30 13.90
N MET A 1 -1.27 3.89 25.05
CA MET A 1 -0.79 2.52 24.97
C MET A 1 -0.82 2.02 23.53
N SER A 2 -1.76 2.54 22.75
CA SER A 2 -1.90 2.15 21.35
C SER A 2 -1.07 3.04 20.45
N THR A 3 -0.21 2.43 19.64
CA THR A 3 0.65 3.17 18.72
C THR A 3 0.93 2.36 17.46
N THR A 4 0.44 2.86 16.32
CA THR A 4 0.64 2.19 15.05
C THR A 4 0.10 0.76 15.09
N ASP A 5 -1.08 0.59 15.67
CA ASP A 5 -1.70 -0.72 15.77
C ASP A 5 -2.89 -0.84 14.82
N LYS A 6 -3.59 0.27 14.61
CA LYS A 6 -4.74 0.30 13.72
C LYS A 6 -4.31 0.23 12.25
N ILE A 7 -3.06 0.61 12.00
CA ILE A 7 -2.52 0.57 10.64
C ILE A 7 -2.38 -0.86 10.14
N GLU A 8 -1.95 -1.76 11.02
CA GLU A 8 -1.78 -3.16 10.66
C GLU A 8 -3.09 -3.75 10.17
N GLN A 9 -4.19 -3.35 10.79
CA GLN A 9 -5.52 -3.85 10.41
C GLN A 9 -6.13 -2.98 9.32
N LYS A 10 -5.64 -1.75 9.20
CA LYS A 10 -6.15 -0.82 8.19
C LYS A 10 -5.48 -1.07 6.84
N VAL A 11 -4.33 -1.74 6.87
CA VAL A 11 -3.60 -2.05 5.65
C VAL A 11 -4.51 -2.71 4.61
N ILE A 12 -5.51 -3.44 5.09
CA ILE A 12 -6.44 -4.12 4.21
C ILE A 12 -7.36 -3.12 3.50
N GLU A 13 -7.76 -2.08 4.24
CA GLU A 13 -8.65 -1.06 3.69
C GLU A 13 -7.89 -0.16 2.72
N MET A 14 -6.57 -0.06 2.91
CA MET A 14 -5.73 0.77 2.06
C MET A 14 -5.59 0.15 0.67
N VAL A 15 -4.99 -1.04 0.62
CA VAL A 15 -4.79 -1.73 -0.65
C VAL A 15 -6.12 -1.91 -1.40
N ALA A 16 -7.22 -1.91 -0.64
CA ALA A 16 -8.54 -2.07 -1.23
C ALA A 16 -8.95 -0.82 -2.01
N GLU A 17 -8.37 0.32 -1.65
CA GLU A 17 -8.67 1.58 -2.32
C GLU A 17 -7.52 1.99 -3.23
N LYS A 18 -6.32 1.51 -2.92
CA LYS A 18 -5.14 1.84 -3.71
C LYS A 18 -5.31 1.38 -5.16
N LEU A 19 -5.55 0.08 -5.34
CA LEU A 19 -5.73 -0.49 -6.67
C LEU A 19 -7.13 -1.05 -6.83
N ASN A 20 -8.06 -0.59 -6.00
CA ASN A 20 -9.44 -1.04 -6.05
C ASN A 20 -9.52 -2.56 -5.98
N LYS A 21 -8.98 -3.13 -4.90
CA LYS A 21 -8.99 -4.58 -4.71
C LYS A 21 -10.03 -4.98 -3.68
N ASP A 22 -10.98 -5.81 -4.10
CA ASP A 22 -12.04 -6.28 -3.21
C ASP A 22 -11.45 -6.94 -1.96
N LYS A 23 -12.22 -6.93 -0.88
CA LYS A 23 -11.78 -7.53 0.38
C LYS A 23 -11.44 -9.01 0.20
N ALA A 24 -12.10 -9.65 -0.75
CA ALA A 24 -11.87 -11.06 -1.03
C ALA A 24 -10.64 -11.26 -1.90
N ILE A 25 -10.05 -10.14 -2.32
CA ILE A 25 -8.85 -10.19 -3.16
C ILE A 25 -7.61 -9.82 -2.37
N ILE A 26 -7.79 -9.01 -1.33
CA ILE A 26 -6.68 -8.59 -0.49
C ILE A 26 -5.83 -9.77 -0.06
N THR A 27 -4.57 -9.78 -0.51
CA THR A 27 -3.65 -10.86 -0.17
C THR A 27 -2.27 -10.30 0.19
N THR A 28 -1.59 -11.01 1.09
CA THR A 28 -0.26 -10.58 1.52
C THR A 28 0.70 -10.47 0.33
N ASP A 29 0.65 -11.45 -0.55
CA ASP A 29 1.52 -11.46 -1.73
C ASP A 29 0.72 -11.06 -2.98
N SER A 30 -0.32 -10.24 -2.78
CA SER A 30 -1.15 -9.79 -3.89
C SER A 30 -0.30 -9.20 -5.01
N ARG A 31 -0.60 -9.58 -6.24
CA ARG A 31 0.14 -9.09 -7.40
C ARG A 31 -0.80 -8.42 -8.40
N PHE A 32 -1.64 -7.51 -7.90
CA PHE A 32 -2.59 -6.81 -8.75
C PHE A 32 -1.89 -6.21 -9.96
N ILE A 33 -0.64 -5.81 -9.78
CA ILE A 33 0.13 -5.22 -10.87
C ILE A 33 0.21 -6.17 -12.06
N GLU A 34 0.43 -7.45 -11.78
CA GLU A 34 0.52 -8.46 -12.84
C GLU A 34 -0.84 -9.08 -13.11
N ASP A 35 -1.45 -9.65 -12.08
CA ASP A 35 -2.76 -10.28 -12.20
C ASP A 35 -3.77 -9.31 -12.82
N LEU A 36 -3.92 -8.15 -12.19
CA LEU A 36 -4.86 -7.14 -12.68
C LEU A 36 -4.24 -6.32 -13.81
N LYS A 37 -2.97 -6.58 -14.09
CA LYS A 37 -2.26 -5.88 -15.14
C LYS A 37 -2.41 -4.36 -14.99
N ALA A 38 -1.99 -3.84 -13.84
CA ALA A 38 -2.08 -2.42 -13.56
C ALA A 38 -1.25 -1.61 -14.56
N ASP A 39 -1.90 -0.72 -15.29
CA ASP A 39 -1.23 0.11 -16.28
C ASP A 39 -0.02 0.81 -15.66
N SER A 40 0.92 1.21 -16.50
CA SER A 40 2.12 1.89 -16.04
C SER A 40 1.84 3.37 -15.76
N LEU A 41 1.00 3.96 -16.60
CA LEU A 41 0.64 5.37 -16.45
C LEU A 41 -0.44 5.55 -15.38
N ASP A 42 -1.23 4.50 -15.17
CA ASP A 42 -2.31 4.55 -14.18
C ASP A 42 -1.76 4.26 -12.79
N THR A 43 -0.79 3.35 -12.71
CA THR A 43 -0.19 2.98 -11.44
C THR A 43 0.25 4.22 -10.66
N VAL A 44 1.00 5.09 -11.32
CA VAL A 44 1.48 6.32 -10.69
C VAL A 44 0.34 7.07 -10.00
N GLU A 45 -0.86 6.95 -10.57
CA GLU A 45 -2.03 7.62 -10.00
C GLU A 45 -2.65 6.79 -8.88
N LEU A 46 -2.65 5.47 -9.07
CA LEU A 46 -3.21 4.57 -8.07
C LEU A 46 -2.38 4.57 -6.79
N MET A 47 -1.09 4.34 -6.93
CA MET A 47 -0.18 4.33 -5.78
C MET A 47 -0.13 5.71 -5.13
N MET A 48 -0.29 6.75 -5.93
CA MET A 48 -0.26 8.12 -5.43
C MET A 48 -1.20 8.29 -4.24
N ALA A 49 -2.36 7.62 -4.31
CA ALA A 49 -3.34 7.70 -3.24
C ALA A 49 -2.72 7.31 -1.90
N ILE A 50 -1.75 6.42 -1.93
CA ILE A 50 -1.08 5.97 -0.72
C ILE A 50 -0.32 7.11 -0.06
N GLU A 51 0.02 8.12 -0.84
CA GLU A 51 0.74 9.28 -0.33
C GLU A 51 -0.21 10.28 0.33
N VAL A 52 -1.33 10.53 -0.33
CA VAL A 52 -2.33 11.46 0.19
C VAL A 52 -3.17 10.81 1.29
N GLU A 53 -3.14 9.48 1.33
CA GLU A 53 -3.90 8.73 2.33
C GLU A 53 -3.11 8.61 3.63
N TYR A 54 -1.90 8.08 3.53
CA TYR A 54 -1.05 7.90 4.71
C TYR A 54 -0.31 9.19 5.04
N GLY A 55 -0.12 10.04 4.04
CA GLY A 55 0.57 11.30 4.25
C GLY A 55 2.05 11.11 4.48
N ILE A 56 2.70 10.38 3.58
CA ILE A 56 4.13 10.13 3.68
C ILE A 56 4.81 10.23 2.33
N ASP A 57 6.12 9.99 2.30
CA ASP A 57 6.89 10.04 1.06
C ASP A 57 7.54 8.69 0.76
N ILE A 58 7.52 8.30 -0.50
CA ILE A 58 8.10 7.04 -0.92
C ILE A 58 8.78 7.16 -2.27
N PRO A 59 10.10 7.40 -2.26
CA PRO A 59 10.90 7.55 -3.49
C PRO A 59 11.04 6.24 -4.24
N ASP A 60 11.45 6.32 -5.50
CA ASP A 60 11.64 5.14 -6.34
C ASP A 60 12.50 4.10 -5.62
N ASP A 61 13.49 4.57 -4.87
CA ASP A 61 14.38 3.70 -4.13
C ASP A 61 13.61 2.82 -3.16
N GLU A 62 12.57 3.39 -2.55
CA GLU A 62 11.75 2.65 -1.60
C GLU A 62 10.40 2.29 -2.22
N ALA A 63 10.28 2.46 -3.54
CA ALA A 63 9.05 2.14 -4.24
C ALA A 63 8.61 0.71 -3.97
N THR A 64 9.58 -0.19 -3.85
CA THR A 64 9.29 -1.60 -3.58
C THR A 64 9.40 -1.91 -2.09
N LYS A 65 9.36 -0.87 -1.27
CA LYS A 65 9.45 -1.03 0.18
C LYS A 65 8.08 -0.93 0.83
N ILE A 66 7.06 -0.66 0.01
CA ILE A 66 5.69 -0.53 0.50
C ILE A 66 4.70 -1.10 -0.50
N LYS A 67 5.20 -1.85 -1.48
CA LYS A 67 4.36 -2.46 -2.50
C LYS A 67 3.54 -3.61 -1.93
N THR A 68 4.21 -4.52 -1.23
CA THR A 68 3.55 -5.66 -0.62
C THR A 68 2.93 -5.29 0.72
N VAL A 69 1.81 -5.92 1.05
CA VAL A 69 1.11 -5.65 2.30
C VAL A 69 2.05 -5.84 3.49
N SER A 70 3.04 -6.69 3.32
CA SER A 70 4.01 -6.95 4.39
C SER A 70 5.06 -5.85 4.46
N ASP A 71 5.38 -5.28 3.30
CA ASP A 71 6.37 -4.21 3.23
C ASP A 71 5.74 -2.86 3.56
N VAL A 72 4.42 -2.77 3.38
CA VAL A 72 3.70 -1.53 3.66
C VAL A 72 3.83 -1.14 5.13
N ILE A 73 3.26 -1.96 6.00
CA ILE A 73 3.31 -1.70 7.43
C ILE A 73 4.73 -1.82 7.97
N LYS A 74 5.56 -2.59 7.26
CA LYS A 74 6.94 -2.79 7.66
C LYS A 74 7.75 -1.51 7.46
N TYR A 75 7.66 -0.94 6.26
CA TYR A 75 8.38 0.28 5.94
C TYR A 75 7.69 1.51 6.54
N ILE A 76 6.40 1.66 6.21
CA ILE A 76 5.62 2.78 6.71
C ILE A 76 5.75 2.91 8.23
N LYS A 77 6.01 1.79 8.89
CA LYS A 77 6.16 1.77 10.34
C LYS A 77 7.15 2.85 10.80
N GLU A 78 8.40 2.71 10.38
CA GLU A 78 9.44 3.66 10.75
C GLU A 78 9.26 4.98 9.99
N ARG A 79 8.44 4.95 8.93
CA ARG A 79 8.19 6.13 8.14
C ARG A 79 7.29 7.11 8.87
N GLN A 80 6.49 6.58 9.79
CA GLN A 80 5.58 7.41 10.57
C GLN A 80 6.26 7.95 11.82
N SER A 81 7.56 7.72 11.92
CA SER A 81 8.34 8.18 13.07
C SER A 81 8.89 9.59 12.82
#